data_6M7F
#
_entry.id   6M7F
#
_cell.length_a   63.741
_cell.length_b   95.846
_cell.length_c   102.299
_cell.angle_alpha   90.00
_cell.angle_beta   96.92
_cell.angle_gamma   90.00
#
_symmetry.space_group_name_H-M   'P 1 21 1'
#
loop_
_entity.id
_entity.type
_entity.pdbx_description
1 polymer 'Cucumene Synthase'
2 water water
#
_entity_poly.entity_id   1
_entity_poly.type   'polypeptide(L)'
_entity_poly.pdbx_seq_one_letter_code
;MPQDVVFDLPWPLRKHPGVAGAREHCLGWLAAQGLADRRGLTAETFVTWQLDELAGYFFPRATQEGLELATDLMVWYFAP
FDDQFDGALGRDPRRTAGVCAGLAEVLYGVPEPGPVASSPVGRALGDLWRRSCTGMSPFWRTRARHNWTGYLAAHTAESV
PRYHGRTVDAAYCVRQRGYATSSHVIMDLIERTGGFEVPAMVWHHPVLVELRTLTSEMIGISNDLCSAEKEEADGDLSNN
LLLVLENHEGLDRPEAIERARALTAERVARFLDVERAVTDVDCLLDGAGREAVRRFVEGLHDLVRGDNEWERTTGRYQPA
ISGLQDLADLMSSGWDPLASGTAAGHGGHTR
;
_entity_poly.pdbx_strand_id   A,B,C,D
#
# COMPACT_ATOMS: atom_id res chain seq x y z
N PHE A 7 -22.91 24.03 -17.73
CA PHE A 7 -22.39 23.77 -19.07
C PHE A 7 -20.98 24.31 -19.22
N ASP A 8 -20.53 24.48 -20.46
CA ASP A 8 -19.15 24.83 -20.79
C ASP A 8 -18.17 24.02 -19.96
N LEU A 9 -18.23 22.69 -20.15
CA LEU A 9 -17.43 21.72 -19.41
C LEU A 9 -16.06 21.53 -20.06
N PRO A 10 -15.06 21.11 -19.29
CA PRO A 10 -13.70 20.96 -19.84
C PRO A 10 -13.50 19.70 -20.69
N TRP A 11 -14.51 18.86 -20.86
CA TRP A 11 -14.34 17.60 -21.58
C TRP A 11 -15.02 17.65 -22.95
N PRO A 12 -14.45 17.00 -23.95
CA PRO A 12 -15.06 17.02 -25.28
C PRO A 12 -16.33 16.17 -25.35
N LEU A 13 -17.24 16.58 -26.22
CA LEU A 13 -18.48 15.86 -26.45
C LEU A 13 -18.24 14.71 -27.42
N ARG A 14 -18.50 13.48 -26.97
CA ARG A 14 -18.31 12.30 -27.79
C ARG A 14 -19.62 11.51 -27.86
N LYS A 15 -19.81 10.81 -28.98
CA LYS A 15 -21.09 10.17 -29.28
C LYS A 15 -20.87 8.84 -29.98
N HIS A 16 -21.63 7.83 -29.56
CA HIS A 16 -21.55 6.51 -30.18
C HIS A 16 -22.05 6.57 -31.61
N PRO A 17 -21.34 5.97 -32.57
CA PRO A 17 -21.76 6.06 -33.99
C PRO A 17 -22.97 5.22 -34.33
N GLY A 18 -23.37 4.26 -33.50
CA GLY A 18 -24.36 3.28 -33.88
C GLY A 18 -25.77 3.51 -33.33
N VAL A 19 -26.13 4.79 -33.13
CA VAL A 19 -27.44 5.11 -32.58
C VAL A 19 -28.56 4.58 -33.46
N ALA A 20 -28.38 4.63 -34.79
CA ALA A 20 -29.46 4.32 -35.71
C ALA A 20 -29.90 2.86 -35.59
N GLY A 21 -28.94 1.93 -35.53
CA GLY A 21 -29.30 0.54 -35.29
C GLY A 21 -29.97 0.33 -33.94
N ALA A 22 -29.50 1.04 -32.92
CA ALA A 22 -30.08 0.90 -31.59
C ALA A 22 -31.54 1.33 -31.57
N ARG A 23 -31.91 2.32 -32.38
CA ARG A 23 -33.32 2.72 -32.43
C ARG A 23 -34.19 1.60 -32.98
N GLU A 24 -33.68 0.85 -33.95
CA GLU A 24 -34.48 -0.20 -34.57
C GLU A 24 -34.55 -1.43 -33.67
N HIS A 25 -33.40 -1.89 -33.19
CA HIS A 25 -33.40 -2.96 -32.20
C HIS A 25 -34.32 -2.61 -31.03
N CYS A 26 -34.27 -1.36 -30.57
CA CYS A 26 -35.07 -0.98 -29.41
C CYS A 26 -36.56 -0.98 -29.74
N LEU A 27 -36.93 -0.58 -30.96
CA LEU A 27 -38.33 -0.70 -31.37
C LEU A 27 -38.79 -2.16 -31.34
N GLY A 28 -37.97 -3.06 -31.91
CA GLY A 28 -38.33 -4.47 -31.88
C GLY A 28 -38.43 -5.02 -30.47
N TRP A 29 -37.55 -4.56 -29.58
CA TRP A 29 -37.57 -5.00 -28.19
C TRP A 29 -38.83 -4.53 -27.49
N LEU A 30 -39.19 -3.26 -27.68
CA LEU A 30 -40.45 -2.76 -27.14
C LEU A 30 -41.63 -3.61 -27.63
N ALA A 31 -41.61 -3.98 -28.91
CA ALA A 31 -42.69 -4.82 -29.43
C ALA A 31 -42.73 -6.17 -28.75
N ALA A 32 -41.56 -6.81 -28.59
CA ALA A 32 -41.51 -8.16 -28.02
C ALA A 32 -41.96 -8.17 -26.56
N GLN A 33 -41.60 -7.16 -25.79
CA GLN A 33 -41.92 -7.13 -24.37
C GLN A 33 -43.32 -6.62 -24.06
N GLY A 34 -44.13 -6.31 -25.07
CA GLY A 34 -45.48 -5.85 -24.82
C GLY A 34 -45.56 -4.45 -24.24
N LEU A 35 -44.60 -3.59 -24.57
CA LEU A 35 -44.54 -2.24 -24.02
C LEU A 35 -45.02 -1.17 -25.00
N ALA A 36 -45.46 -1.56 -26.18
CA ALA A 36 -45.93 -0.60 -27.18
C ALA A 36 -47.43 -0.79 -27.40
N GLY A 40 -52.00 2.42 -31.07
CA GLY A 40 -50.72 3.05 -31.32
C GLY A 40 -50.38 4.12 -30.30
N LEU A 41 -49.81 5.23 -30.79
CA LEU A 41 -49.42 6.36 -29.94
C LEU A 41 -48.46 5.90 -28.84
N THR A 42 -47.37 5.28 -29.25
CA THR A 42 -46.34 4.85 -28.31
C THR A 42 -44.93 5.12 -28.81
N ALA A 43 -44.76 5.77 -29.97
CA ALA A 43 -43.46 6.04 -30.54
C ALA A 43 -43.06 7.51 -30.37
N GLU A 44 -43.52 8.14 -29.28
CA GLU A 44 -43.11 9.49 -28.93
C GLU A 44 -41.92 9.51 -27.99
N THR A 45 -41.12 8.44 -27.99
CA THR A 45 -39.94 8.34 -27.15
C THR A 45 -38.68 8.77 -27.88
N PHE A 46 -38.61 8.50 -29.18
CA PHE A 46 -37.48 8.88 -30.02
C PHE A 46 -37.72 10.20 -30.73
N VAL A 47 -38.94 10.42 -31.22
CA VAL A 47 -39.24 11.60 -32.04
C VAL A 47 -38.96 12.89 -31.26
N THR A 48 -39.50 12.99 -30.05
CA THR A 48 -39.36 14.22 -29.27
C THR A 48 -38.34 14.13 -28.15
N TRP A 49 -38.17 12.97 -27.51
CA TRP A 49 -37.27 12.87 -26.38
C TRP A 49 -35.89 12.34 -26.75
N GLN A 50 -35.74 11.77 -27.95
CA GLN A 50 -34.44 11.47 -28.54
C GLN A 50 -33.60 10.60 -27.61
N LEU A 51 -34.23 9.54 -27.08
CA LEU A 51 -33.55 8.73 -26.08
C LEU A 51 -32.46 7.85 -26.66
N ASP A 52 -32.54 7.53 -27.96
CA ASP A 52 -31.46 6.76 -28.58
C ASP A 52 -30.16 7.58 -28.59
N GLU A 53 -30.26 8.86 -28.94
CA GLU A 53 -29.09 9.73 -28.93
C GLU A 53 -28.60 9.97 -27.51
N LEU A 54 -29.52 10.12 -26.55
CA LEU A 54 -29.12 10.21 -25.15
C LEU A 54 -28.34 8.98 -24.72
N ALA A 55 -28.83 7.79 -25.09
CA ALA A 55 -28.07 6.56 -24.86
C ALA A 55 -26.70 6.63 -25.51
N GLY A 56 -26.62 7.20 -26.71
CA GLY A 56 -25.33 7.36 -27.36
C GLY A 56 -24.40 8.29 -26.61
N TYR A 57 -24.94 9.32 -25.98
CA TYR A 57 -24.12 10.25 -25.20
C TYR A 57 -23.67 9.62 -23.88
N PHE A 58 -24.53 8.81 -23.26
CA PHE A 58 -24.18 8.22 -21.98
C PHE A 58 -23.09 7.16 -22.12
N PHE A 59 -23.17 6.33 -23.16
CA PHE A 59 -22.27 5.19 -23.33
C PHE A 59 -21.63 5.21 -24.72
N PRO A 60 -20.84 6.23 -25.02
CA PRO A 60 -20.24 6.32 -26.36
C PRO A 60 -19.13 5.31 -26.62
N ARG A 61 -18.68 4.57 -25.60
CA ARG A 61 -17.64 3.56 -25.77
C ARG A 61 -18.19 2.15 -25.70
N ALA A 62 -19.51 1.99 -25.76
CA ALA A 62 -20.11 0.67 -25.67
C ALA A 62 -19.93 -0.10 -26.97
N THR A 63 -20.07 -1.42 -26.87
CA THR A 63 -20.33 -2.22 -28.06
C THR A 63 -21.73 -1.92 -28.57
N GLN A 64 -22.01 -2.39 -29.79
CA GLN A 64 -23.35 -2.20 -30.34
C GLN A 64 -24.40 -2.89 -29.48
N GLU A 65 -24.10 -4.11 -29.01
CA GLU A 65 -25.00 -4.81 -28.11
C GLU A 65 -25.20 -4.04 -26.81
N GLY A 66 -24.12 -3.52 -26.23
CA GLY A 66 -24.24 -2.77 -24.99
C GLY A 66 -25.02 -1.48 -25.17
N LEU A 67 -24.76 -0.75 -26.27
CA LEU A 67 -25.54 0.44 -26.57
C LEU A 67 -27.01 0.10 -26.71
N GLU A 68 -27.32 -1.03 -27.34
CA GLU A 68 -28.72 -1.43 -27.49
C GLU A 68 -29.35 -1.72 -26.12
N LEU A 69 -28.60 -2.36 -25.23
CA LEU A 69 -29.10 -2.61 -23.88
C LEU A 69 -29.37 -1.30 -23.15
N ALA A 70 -28.43 -0.35 -23.22
CA ALA A 70 -28.63 0.95 -22.59
C ALA A 70 -29.89 1.63 -23.13
N THR A 71 -30.09 1.57 -24.45
CA THR A 71 -31.28 2.18 -25.05
C THR A 71 -32.54 1.54 -24.49
N ASP A 72 -32.58 0.20 -24.46
CA ASP A 72 -33.73 -0.49 -23.89
C ASP A 72 -33.99 -0.05 -22.46
N LEU A 73 -32.93 0.07 -21.65
CA LEU A 73 -33.09 0.47 -20.26
C LEU A 73 -33.69 1.86 -20.16
N MET A 74 -33.16 2.82 -20.91
CA MET A 74 -33.61 4.19 -20.75
C MET A 74 -35.01 4.41 -21.33
N VAL A 75 -35.39 3.62 -22.33
CA VAL A 75 -36.79 3.65 -22.77
C VAL A 75 -37.69 3.06 -21.70
N TRP A 76 -37.26 1.96 -21.09
CA TRP A 76 -37.97 1.41 -19.94
C TRP A 76 -38.13 2.45 -18.84
N TYR A 77 -37.09 3.25 -18.61
CA TYR A 77 -37.17 4.33 -17.64
C TYR A 77 -38.26 5.33 -18.01
N PHE A 78 -38.28 5.78 -19.27
CA PHE A 78 -39.13 6.93 -19.58
C PHE A 78 -40.60 6.53 -19.76
N ALA A 79 -40.89 5.54 -20.62
CA ALA A 79 -42.31 5.29 -20.84
C ALA A 79 -42.94 4.40 -19.78
N PRO A 80 -42.55 3.10 -19.64
CA PRO A 80 -43.29 2.21 -18.72
C PRO A 80 -43.16 2.56 -17.26
N PHE A 81 -41.92 2.68 -16.79
CA PHE A 81 -41.67 2.94 -15.37
C PHE A 81 -42.27 4.26 -14.92
N ASP A 82 -41.94 5.34 -15.62
CA ASP A 82 -42.44 6.67 -15.25
C ASP A 82 -43.95 6.81 -15.40
N ASP A 83 -44.57 6.11 -16.36
CA ASP A 83 -46.02 6.16 -16.48
C ASP A 83 -46.71 5.77 -15.19
N GLN A 84 -46.18 4.80 -14.47
CA GLN A 84 -46.74 4.38 -13.19
C GLN A 84 -46.78 5.52 -12.17
N PHE A 85 -45.95 6.55 -12.33
CA PHE A 85 -45.83 7.64 -11.37
C PHE A 85 -46.16 9.00 -11.99
N ASP A 86 -47.06 9.02 -12.97
CA ASP A 86 -47.36 10.25 -13.69
C ASP A 86 -48.37 11.10 -12.92
N GLY A 87 -48.15 12.41 -12.93
CA GLY A 87 -49.10 13.35 -12.35
C GLY A 87 -49.28 13.14 -10.86
N ALA A 88 -50.52 12.84 -10.45
CA ALA A 88 -50.83 12.63 -9.05
C ALA A 88 -50.52 11.21 -8.58
N LEU A 89 -50.24 10.29 -9.51
CA LEU A 89 -49.86 8.93 -9.11
C LEU A 89 -48.51 8.90 -8.42
N GLY A 90 -47.65 9.88 -8.66
CA GLY A 90 -46.34 9.93 -8.04
C GLY A 90 -46.28 10.58 -6.68
N ARG A 91 -47.37 11.21 -6.25
CA ARG A 91 -47.44 11.81 -4.92
C ARG A 91 -48.20 10.94 -3.93
N ASP A 92 -48.30 9.64 -4.21
CA ASP A 92 -48.92 8.68 -3.29
C ASP A 92 -47.83 7.83 -2.67
N PRO A 93 -47.57 7.94 -1.36
CA PRO A 93 -46.45 7.19 -0.75
C PRO A 93 -46.66 5.69 -0.78
N ARG A 94 -47.80 5.24 -0.27
CA ARG A 94 -48.07 3.81 -0.12
C ARG A 94 -48.28 3.09 -1.44
N ARG A 95 -48.40 3.82 -2.55
CA ARG A 95 -48.51 3.21 -3.87
C ARG A 95 -47.17 3.17 -4.60
N THR A 96 -46.45 4.31 -4.63
CA THR A 96 -45.10 4.31 -5.17
C THR A 96 -44.23 3.30 -4.45
N ALA A 97 -44.35 3.20 -3.13
CA ALA A 97 -43.65 2.18 -2.38
C ALA A 97 -43.99 0.78 -2.88
N GLY A 98 -45.27 0.53 -3.17
CA GLY A 98 -45.67 -0.79 -3.62
C GLY A 98 -45.11 -1.13 -4.99
N VAL A 99 -45.18 -0.19 -5.93
CA VAL A 99 -44.65 -0.44 -7.26
C VAL A 99 -43.14 -0.64 -7.20
N CYS A 100 -42.44 0.19 -6.42
CA CYS A 100 -40.99 0.06 -6.31
C CYS A 100 -40.59 -1.26 -5.67
N ALA A 101 -41.31 -1.67 -4.62
CA ALA A 101 -41.01 -2.94 -3.98
C ALA A 101 -41.25 -4.11 -4.92
N GLY A 102 -42.38 -4.11 -5.63
CA GLY A 102 -42.68 -5.20 -6.54
C GLY A 102 -41.73 -5.27 -7.71
N LEU A 103 -41.28 -4.10 -8.20
CA LEU A 103 -40.22 -4.08 -9.20
C LEU A 103 -38.92 -4.62 -8.64
N ALA A 104 -38.62 -4.28 -7.37
CA ALA A 104 -37.43 -4.82 -6.73
C ALA A 104 -37.47 -6.34 -6.66
N GLU A 105 -38.66 -6.91 -6.45
CA GLU A 105 -38.81 -8.37 -6.46
C GLU A 105 -38.30 -8.98 -7.75
N VAL A 106 -38.53 -8.31 -8.88
CA VAL A 106 -38.05 -8.80 -10.18
C VAL A 106 -36.55 -9.05 -10.16
N LEU A 107 -35.80 -8.24 -9.42
CA LEU A 107 -34.34 -8.32 -9.44
C LEU A 107 -33.82 -9.49 -8.62
N TYR A 108 -34.67 -10.12 -7.81
CA TYR A 108 -34.30 -11.24 -6.97
C TYR A 108 -35.08 -12.47 -7.40
N GLY A 109 -34.56 -13.64 -7.06
CA GLY A 109 -35.28 -14.87 -7.29
C GLY A 109 -36.25 -15.18 -6.18
N VAL A 110 -37.51 -14.81 -6.37
CA VAL A 110 -38.55 -15.06 -5.37
C VAL A 110 -39.42 -16.22 -5.83
N PRO A 111 -39.83 -17.12 -4.93
CA PRO A 111 -40.58 -18.32 -5.35
C PRO A 111 -41.87 -17.97 -6.07
N GLU A 112 -42.75 -17.26 -5.38
CA GLU A 112 -44.07 -16.88 -5.90
C GLU A 112 -44.09 -15.36 -5.98
N PRO A 113 -43.67 -14.79 -7.11
CA PRO A 113 -43.67 -13.33 -7.23
C PRO A 113 -45.08 -12.78 -7.20
N GLY A 114 -45.16 -11.47 -6.98
CA GLY A 114 -46.45 -10.82 -6.98
C GLY A 114 -46.90 -10.50 -8.39
N PRO A 115 -48.06 -9.86 -8.50
CA PRO A 115 -48.61 -9.58 -9.83
C PRO A 115 -47.88 -8.46 -10.55
N VAL A 116 -47.19 -7.58 -9.84
CA VAL A 116 -46.43 -6.51 -10.48
C VAL A 116 -45.13 -7.05 -11.06
N ALA A 117 -44.54 -8.06 -10.43
CA ALA A 117 -43.34 -8.68 -10.97
C ALA A 117 -43.59 -9.31 -12.34
N SER A 118 -44.79 -9.83 -12.56
CA SER A 118 -45.14 -10.46 -13.83
C SER A 118 -45.86 -9.52 -14.78
N SER A 119 -46.00 -8.24 -14.41
CA SER A 119 -46.54 -7.24 -15.30
C SER A 119 -45.54 -6.93 -16.41
N PRO A 120 -45.99 -6.28 -17.50
CA PRO A 120 -45.06 -5.95 -18.60
C PRO A 120 -43.81 -5.19 -18.16
N VAL A 121 -43.97 -4.15 -17.34
CA VAL A 121 -42.82 -3.42 -16.84
C VAL A 121 -41.90 -4.34 -16.04
N GLY A 122 -42.48 -5.26 -15.28
CA GLY A 122 -41.66 -6.17 -14.47
C GLY A 122 -40.92 -7.18 -15.31
N ARG A 123 -41.58 -7.75 -16.32
CA ARG A 123 -40.91 -8.73 -17.17
C ARG A 123 -39.83 -8.05 -18.03
N ALA A 124 -40.10 -6.85 -18.53
CA ALA A 124 -39.08 -6.11 -19.25
C ALA A 124 -37.89 -5.81 -18.36
N LEU A 125 -38.15 -5.41 -17.12
CA LEU A 125 -37.05 -5.21 -16.17
C LEU A 125 -36.29 -6.51 -15.94
N GLY A 126 -37.00 -7.64 -15.89
CA GLY A 126 -36.34 -8.92 -15.79
C GLY A 126 -35.38 -9.19 -16.93
N ASP A 127 -35.82 -8.91 -18.16
CA ASP A 127 -34.93 -9.11 -19.30
C ASP A 127 -33.73 -8.17 -19.24
N LEU A 128 -33.96 -6.91 -18.87
CA LEU A 128 -32.86 -5.96 -18.73
C LEU A 128 -31.85 -6.43 -17.68
N TRP A 129 -32.33 -7.02 -16.58
CA TRP A 129 -31.43 -7.46 -15.53
C TRP A 129 -30.65 -8.69 -15.95
N ARG A 130 -31.34 -9.68 -16.53
CA ARG A 130 -30.66 -10.88 -17.02
C ARG A 130 -29.57 -10.51 -18.02
N ARG A 131 -29.89 -9.63 -18.98
CA ARG A 131 -28.89 -9.20 -19.94
C ARG A 131 -27.76 -8.43 -19.27
N SER A 132 -28.09 -7.60 -18.28
CA SER A 132 -27.06 -6.85 -17.56
C SER A 132 -26.08 -7.79 -16.87
N CYS A 133 -26.57 -8.88 -16.28
CA CYS A 133 -25.69 -9.80 -15.56
C CYS A 133 -24.74 -10.55 -16.50
N THR A 134 -25.13 -10.71 -17.76
CA THR A 134 -24.37 -11.52 -18.71
C THR A 134 -22.93 -11.06 -18.82
N GLY A 135 -21.99 -11.97 -18.58
CA GLY A 135 -20.58 -11.70 -18.71
C GLY A 135 -19.94 -10.95 -17.56
N MET A 136 -20.72 -10.59 -16.54
CA MET A 136 -20.21 -9.88 -15.38
C MET A 136 -19.98 -10.85 -14.22
N SER A 137 -18.98 -10.54 -13.39
CA SER A 137 -18.65 -11.39 -12.26
C SER A 137 -19.73 -11.28 -11.19
N PRO A 138 -19.77 -12.24 -10.25
CA PRO A 138 -20.75 -12.13 -9.14
C PRO A 138 -20.60 -10.86 -8.32
N PHE A 139 -19.37 -10.33 -8.22
CA PHE A 139 -19.16 -9.08 -7.50
C PHE A 139 -19.97 -7.95 -8.13
N TRP A 140 -19.89 -7.84 -9.46
CA TRP A 140 -20.64 -6.81 -10.17
C TRP A 140 -22.13 -7.02 -10.02
N ARG A 141 -22.60 -8.27 -10.06
CA ARG A 141 -24.03 -8.53 -9.96
C ARG A 141 -24.56 -8.08 -8.60
N THR A 142 -23.87 -8.47 -7.53
CA THR A 142 -24.28 -8.05 -6.19
C THR A 142 -24.27 -6.53 -6.06
N ARG A 143 -23.15 -5.89 -6.43
CA ARG A 143 -23.01 -4.45 -6.25
C ARG A 143 -24.06 -3.68 -7.06
N ALA A 144 -24.21 -4.00 -8.34
CA ALA A 144 -25.15 -3.28 -9.18
C ALA A 144 -26.59 -3.53 -8.76
N ARG A 145 -26.89 -4.73 -8.27
CA ARG A 145 -28.22 -5.01 -7.77
C ARG A 145 -28.52 -4.18 -6.53
N HIS A 146 -27.55 -4.09 -5.62
CA HIS A 146 -27.66 -3.20 -4.47
C HIS A 146 -27.93 -1.77 -4.92
N ASN A 147 -27.23 -1.30 -5.96
CA ASN A 147 -27.47 0.06 -6.43
C ASN A 147 -28.88 0.22 -6.99
N TRP A 148 -29.39 -0.83 -7.65
CA TRP A 148 -30.77 -0.80 -8.13
C TRP A 148 -31.76 -0.59 -6.99
N THR A 149 -31.69 -1.42 -5.95
CA THR A 149 -32.65 -1.25 -4.86
CA THR A 149 -32.63 -1.26 -4.84
C THR A 149 -32.45 0.08 -4.14
N GLY A 150 -31.21 0.57 -4.06
CA GLY A 150 -31.01 1.89 -3.48
C GLY A 150 -31.73 2.97 -4.27
N TYR A 151 -31.68 2.87 -5.60
CA TYR A 151 -32.42 3.80 -6.45
C TYR A 151 -33.91 3.71 -6.19
N LEU A 152 -34.46 2.49 -6.16
CA LEU A 152 -35.91 2.36 -5.99
C LEU A 152 -36.36 2.91 -4.64
N ALA A 153 -35.58 2.63 -3.58
CA ALA A 153 -35.94 3.12 -2.26
C ALA A 153 -35.86 4.64 -2.19
N ALA A 154 -34.85 5.22 -2.85
CA ALA A 154 -34.74 6.68 -2.82
C ALA A 154 -35.87 7.34 -3.59
N HIS A 155 -36.29 6.73 -4.71
CA HIS A 155 -37.48 7.22 -5.43
C HIS A 155 -38.71 7.18 -4.53
N THR A 156 -38.89 6.07 -3.82
CA THR A 156 -39.99 5.98 -2.85
C THR A 156 -39.91 7.12 -1.84
N ALA A 157 -38.71 7.37 -1.31
CA ALA A 157 -38.54 8.47 -0.36
C ALA A 157 -38.90 9.80 -0.99
N GLU A 158 -38.60 9.96 -2.29
CA GLU A 158 -38.90 11.20 -2.99
C GLU A 158 -40.38 11.34 -3.31
N SER A 159 -41.18 10.30 -3.07
CA SER A 159 -42.61 10.45 -3.35
C SER A 159 -43.37 11.20 -2.24
N VAL A 160 -42.73 11.52 -1.12
CA VAL A 160 -43.37 12.24 -0.02
C VAL A 160 -42.69 13.58 0.19
N PRO A 161 -43.43 14.67 0.51
CA PRO A 161 -42.76 15.93 0.85
C PRO A 161 -41.81 15.77 2.04
N ARG A 162 -40.51 15.98 1.79
CA ARG A 162 -39.49 15.65 2.77
C ARG A 162 -39.08 16.84 3.64
N TYR A 163 -39.19 18.06 3.12
CA TYR A 163 -38.80 19.23 3.90
C TYR A 163 -39.95 20.23 4.01
N ASP A 169 -29.75 21.70 4.98
CA ASP A 169 -28.90 22.51 4.13
C ASP A 169 -29.03 22.08 2.66
N ALA A 170 -28.53 22.92 1.75
CA ALA A 170 -28.60 22.59 0.32
C ALA A 170 -27.76 21.38 -0.05
N ALA A 171 -26.63 21.16 0.62
CA ALA A 171 -25.78 20.03 0.26
C ALA A 171 -26.47 18.71 0.56
N TYR A 172 -27.23 18.66 1.66
CA TYR A 172 -28.02 17.48 1.97
C TYR A 172 -29.03 17.19 0.87
N CYS A 173 -29.72 18.22 0.39
CA CYS A 173 -30.72 18.02 -0.65
C CYS A 173 -30.07 17.62 -1.97
N VAL A 174 -28.86 18.11 -2.24
CA VAL A 174 -28.20 17.71 -3.47
C VAL A 174 -27.77 16.25 -3.39
N ARG A 175 -27.24 15.84 -2.24
CA ARG A 175 -26.88 14.44 -2.05
C ARG A 175 -28.10 13.54 -2.20
N GLN A 176 -29.24 13.92 -1.60
CA GLN A 176 -30.45 13.12 -1.72
C GLN A 176 -30.91 13.00 -3.17
N ARG A 177 -30.91 14.12 -3.91
CA ARG A 177 -31.34 14.05 -5.31
C ARG A 177 -30.38 13.22 -6.14
N GLY A 178 -29.09 13.23 -5.80
CA GLY A 178 -28.14 12.37 -6.49
C GLY A 178 -28.38 10.90 -6.21
N TYR A 179 -28.68 10.57 -4.95
CA TYR A 179 -29.02 9.19 -4.62
C TYR A 179 -30.29 8.74 -5.34
N ALA A 180 -31.26 9.65 -5.49
CA ALA A 180 -32.55 9.30 -6.07
C ALA A 180 -32.58 9.37 -7.59
N THR A 181 -31.53 9.89 -8.24
CA THR A 181 -31.47 9.79 -9.68
C THR A 181 -31.03 8.39 -10.11
N SER A 182 -31.20 8.10 -11.39
CA SER A 182 -30.89 6.78 -11.93
C SER A 182 -29.41 6.55 -12.21
N SER A 183 -28.57 7.59 -12.12
CA SER A 183 -27.17 7.45 -12.55
C SER A 183 -26.41 6.40 -11.75
N HIS A 184 -26.84 6.11 -10.52
CA HIS A 184 -26.15 5.09 -9.72
C HIS A 184 -26.25 3.71 -10.36
N VAL A 185 -27.29 3.45 -11.13
CA VAL A 185 -27.27 2.23 -11.94
C VAL A 185 -26.58 2.49 -13.27
N ILE A 186 -26.72 3.71 -13.81
CA ILE A 186 -26.20 4.01 -15.14
C ILE A 186 -24.70 3.81 -15.19
N MET A 187 -23.98 4.28 -14.15
CA MET A 187 -22.54 4.14 -14.18
C MET A 187 -22.13 2.67 -13.99
N ASP A 188 -22.96 1.89 -13.29
CA ASP A 188 -22.69 0.45 -13.21
C ASP A 188 -22.73 -0.19 -14.59
N LEU A 189 -23.34 0.47 -15.56
CA LEU A 189 -23.44 -0.07 -16.90
C LEU A 189 -22.24 0.31 -17.77
N ILE A 190 -21.46 1.31 -17.36
CA ILE A 190 -20.27 1.70 -18.12
C ILE A 190 -19.39 0.49 -18.38
N GLU A 191 -19.12 -0.27 -17.33
CA GLU A 191 -18.41 -1.55 -17.48
C GLU A 191 -19.20 -2.49 -18.39
N ARG A 192 -20.47 -2.72 -18.07
CA ARG A 192 -21.23 -3.78 -18.73
C ARG A 192 -21.34 -3.52 -20.23
N THR A 193 -21.67 -2.29 -20.62
CA THR A 193 -21.77 -1.97 -22.04
C THR A 193 -20.40 -1.91 -22.72
N GLY A 194 -19.32 -1.76 -21.96
CA GLY A 194 -18.01 -1.58 -22.55
C GLY A 194 -17.16 -2.83 -22.59
N GLY A 195 -17.61 -3.91 -21.97
CA GLY A 195 -16.89 -5.15 -22.01
C GLY A 195 -15.68 -5.23 -21.10
N PHE A 196 -15.74 -4.60 -19.93
CA PHE A 196 -14.68 -4.70 -18.94
C PHE A 196 -15.33 -4.66 -17.56
N GLU A 197 -14.51 -4.82 -16.53
CA GLU A 197 -15.02 -4.77 -15.16
C GLU A 197 -13.95 -4.23 -14.22
N VAL A 198 -14.34 -3.27 -13.40
CA VAL A 198 -13.45 -2.75 -12.36
C VAL A 198 -13.41 -3.77 -11.21
N PRO A 199 -12.22 -4.17 -10.76
CA PRO A 199 -12.14 -5.13 -9.65
C PRO A 199 -12.83 -4.59 -8.40
N ALA A 200 -13.43 -5.51 -7.65
CA ALA A 200 -14.25 -5.11 -6.49
C ALA A 200 -13.41 -4.44 -5.41
N MET A 201 -12.16 -4.86 -5.22
CA MET A 201 -11.34 -4.28 -4.16
C MET A 201 -10.94 -2.84 -4.43
N VAL A 202 -11.04 -2.39 -5.68
CA VAL A 202 -10.75 -1.00 -6.02
C VAL A 202 -12.01 -0.20 -6.37
N TRP A 203 -13.09 -0.87 -6.78
CA TRP A 203 -14.36 -0.17 -7.00
C TRP A 203 -14.76 0.68 -5.80
N HIS A 204 -14.57 0.15 -4.59
CA HIS A 204 -14.97 0.83 -3.38
C HIS A 204 -13.89 1.75 -2.81
N HIS A 205 -12.82 1.98 -3.57
CA HIS A 205 -11.78 2.90 -3.11
C HIS A 205 -12.36 4.30 -2.96
N PRO A 206 -12.00 5.03 -1.89
CA PRO A 206 -12.59 6.36 -1.66
C PRO A 206 -12.50 7.31 -2.84
N VAL A 207 -11.45 7.22 -3.66
CA VAL A 207 -11.31 8.11 -4.80
C VAL A 207 -12.42 7.85 -5.82
N LEU A 208 -12.62 6.58 -6.17
CA LEU A 208 -13.67 6.23 -7.12
C LEU A 208 -15.05 6.49 -6.54
N VAL A 209 -15.22 6.23 -5.24
CA VAL A 209 -16.48 6.53 -4.58
C VAL A 209 -16.82 8.01 -4.73
N GLU A 210 -15.85 8.88 -4.41
CA GLU A 210 -16.11 10.31 -4.49
C GLU A 210 -16.36 10.76 -5.93
N LEU A 211 -15.61 10.19 -6.89
CA LEU A 211 -15.87 10.53 -8.29
C LEU A 211 -17.30 10.17 -8.70
N ARG A 212 -17.77 8.99 -8.28
CA ARG A 212 -19.14 8.59 -8.58
C ARG A 212 -20.14 9.53 -7.92
N THR A 213 -19.88 9.91 -6.66
CA THR A 213 -20.79 10.81 -5.96
C THR A 213 -20.89 12.16 -6.66
N LEU A 214 -19.74 12.73 -7.03
CA LEU A 214 -19.74 14.01 -7.74
C LEU A 214 -20.49 13.91 -9.06
N THR A 215 -20.24 12.84 -9.82
CA THR A 215 -20.93 12.66 -11.09
C THR A 215 -22.45 12.62 -10.87
N SER A 216 -22.89 11.81 -9.91
CA SER A 216 -24.33 11.69 -9.65
CA SER A 216 -24.33 11.69 -9.64
C SER A 216 -24.93 13.02 -9.22
N GLU A 217 -24.24 13.75 -8.33
CA GLU A 217 -24.75 15.03 -7.87
C GLU A 217 -24.90 16.01 -9.02
N MET A 218 -23.89 16.08 -9.90
CA MET A 218 -23.98 16.97 -11.05
C MET A 218 -25.14 16.58 -11.95
N ILE A 219 -25.33 15.27 -12.18
CA ILE A 219 -26.43 14.85 -13.03
C ILE A 219 -27.78 15.19 -12.40
N GLY A 220 -27.91 15.08 -11.08
CA GLY A 220 -29.15 15.45 -10.43
C GLY A 220 -29.40 16.94 -10.42
N ILE A 221 -28.33 17.73 -10.36
CA ILE A 221 -28.49 19.18 -10.47
C ILE A 221 -29.01 19.55 -11.86
N SER A 222 -28.43 18.96 -12.91
CA SER A 222 -28.94 19.20 -14.26
C SER A 222 -30.41 18.76 -14.38
N ASN A 223 -30.70 17.54 -13.92
CA ASN A 223 -32.07 17.00 -14.01
C ASN A 223 -33.08 17.90 -13.31
N ASP A 224 -32.81 18.28 -12.06
CA ASP A 224 -33.75 19.15 -11.34
C ASP A 224 -33.81 20.53 -11.97
N LEU A 225 -32.68 21.03 -12.48
CA LEU A 225 -32.66 22.35 -13.11
C LEU A 225 -33.55 22.39 -14.35
N CYS A 226 -33.63 21.29 -15.08
CA CYS A 226 -34.46 21.29 -16.29
C CYS A 226 -35.91 20.88 -16.01
N SER A 227 -36.14 19.87 -15.19
CA SER A 227 -37.47 19.29 -14.97
C SER A 227 -38.21 19.93 -13.80
N ALA A 228 -37.89 21.17 -13.43
CA ALA A 228 -38.53 21.83 -12.29
C ALA A 228 -39.79 22.59 -12.72
N GLU A 229 -40.69 21.91 -13.43
CA GLU A 229 -41.95 22.51 -13.85
C GLU A 229 -43.09 21.49 -13.77
N SER A 238 -42.34 20.21 -2.49
CA SER A 238 -41.50 19.67 -3.55
C SER A 238 -40.08 19.42 -3.07
N ASN A 239 -39.45 18.37 -3.60
CA ASN A 239 -38.07 18.04 -3.28
C ASN A 239 -37.08 18.49 -4.35
N ASN A 240 -37.57 19.16 -5.40
CA ASN A 240 -36.68 19.60 -6.47
C ASN A 240 -35.70 20.63 -5.94
N LEU A 241 -34.43 20.50 -6.36
CA LEU A 241 -33.37 21.35 -5.83
C LEU A 241 -33.69 22.83 -6.01
N LEU A 242 -34.21 23.21 -7.18
CA LEU A 242 -34.52 24.61 -7.44
C LEU A 242 -35.60 25.12 -6.51
N LEU A 243 -36.70 24.37 -6.39
CA LEU A 243 -37.78 24.77 -5.50
C LEU A 243 -37.33 24.76 -4.05
N VAL A 244 -36.42 23.84 -3.69
CA VAL A 244 -35.90 23.79 -2.32
C VAL A 244 -35.07 25.03 -2.02
N LEU A 245 -34.22 25.44 -2.96
CA LEU A 245 -33.47 26.68 -2.79
C LEU A 245 -34.40 27.88 -2.71
N GLU A 246 -35.47 27.87 -3.50
CA GLU A 246 -36.43 28.98 -3.46
C GLU A 246 -37.09 29.08 -2.09
N ASN A 247 -37.60 27.95 -1.57
CA ASN A 247 -38.36 28.00 -0.33
C ASN A 247 -37.49 28.08 0.92
N HIS A 248 -36.23 27.65 0.84
CA HIS A 248 -35.40 27.56 2.05
C HIS A 248 -34.24 28.54 2.09
N GLU A 249 -33.84 29.13 0.95
CA GLU A 249 -32.86 30.20 0.96
C GLU A 249 -33.43 31.54 0.52
N GLY A 250 -34.72 31.61 0.21
CA GLY A 250 -35.33 32.88 -0.11
C GLY A 250 -34.95 33.44 -1.45
N LEU A 251 -34.50 32.60 -2.37
CA LEU A 251 -34.09 33.05 -3.70
C LEU A 251 -35.28 33.06 -4.65
N ASP A 252 -35.18 33.92 -5.65
CA ASP A 252 -36.11 33.86 -6.78
C ASP A 252 -35.57 32.89 -7.82
N ARG A 253 -36.31 32.73 -8.91
CA ARG A 253 -35.96 31.71 -9.90
C ARG A 253 -34.59 31.94 -10.52
N PRO A 254 -34.26 33.11 -11.07
CA PRO A 254 -32.90 33.30 -11.60
C PRO A 254 -31.81 33.10 -10.55
N GLU A 255 -32.07 33.52 -9.32
CA GLU A 255 -31.08 33.36 -8.26
C GLU A 255 -30.86 31.89 -7.93
N ALA A 256 -31.94 31.11 -7.85
CA ALA A 256 -31.80 29.68 -7.60
C ALA A 256 -31.09 28.98 -8.74
N ILE A 257 -31.38 29.38 -9.98
CA ILE A 257 -30.71 28.78 -11.13
C ILE A 257 -29.22 29.07 -11.09
N GLU A 258 -28.86 30.32 -10.80
CA GLU A 258 -27.44 30.68 -10.71
C GLU A 258 -26.75 29.93 -9.58
N ARG A 259 -27.45 29.76 -8.44
CA ARG A 259 -26.89 28.99 -7.34
C ARG A 259 -26.63 27.54 -7.76
N ALA A 260 -27.56 26.96 -8.53
CA ALA A 260 -27.36 25.59 -9.00
C ALA A 260 -26.15 25.52 -9.92
N ARG A 261 -25.96 26.54 -10.77
CA ARG A 261 -24.76 26.60 -11.59
C ARG A 261 -23.51 26.68 -10.73
N ALA A 262 -23.57 27.42 -9.62
CA ALA A 262 -22.41 27.50 -8.73
C ALA A 262 -22.09 26.16 -8.09
N LEU A 263 -23.12 25.42 -7.68
CA LEU A 263 -22.88 24.12 -7.07
C LEU A 263 -22.29 23.15 -8.08
N THR A 264 -22.83 23.15 -9.30
CA THR A 264 -22.26 22.34 -10.36
C THR A 264 -20.80 22.68 -10.60
N ALA A 265 -20.49 23.99 -10.67
CA ALA A 265 -19.12 24.41 -10.91
C ALA A 265 -18.18 23.92 -9.82
N GLU A 266 -18.57 24.08 -8.55
CA GLU A 266 -17.68 23.65 -7.47
C GLU A 266 -17.50 22.14 -7.49
N ARG A 267 -18.51 21.39 -7.93
CA ARG A 267 -18.34 19.94 -8.00
C ARG A 267 -17.51 19.52 -9.20
N VAL A 268 -17.54 20.29 -10.29
CA VAL A 268 -16.59 20.10 -11.38
C VAL A 268 -15.16 20.28 -10.87
N ALA A 269 -14.91 21.39 -10.16
CA ALA A 269 -13.57 21.64 -9.63
C ALA A 269 -13.11 20.52 -8.71
N ARG A 270 -13.97 20.11 -7.78
CA ARG A 270 -13.62 19.00 -6.89
C ARG A 270 -13.32 17.73 -7.67
N PHE A 271 -14.15 17.43 -8.67
CA PHE A 271 -13.93 16.25 -9.50
C PHE A 271 -12.56 16.29 -10.15
N LEU A 272 -12.19 17.43 -10.74
CA LEU A 272 -10.88 17.56 -11.36
C LEU A 272 -9.76 17.52 -10.34
N ASP A 273 -10.04 17.83 -9.07
CA ASP A 273 -9.01 17.74 -8.06
C ASP A 273 -8.75 16.29 -7.65
N VAL A 274 -9.78 15.58 -7.22
CA VAL A 274 -9.56 14.21 -6.74
C VAL A 274 -9.28 13.25 -7.89
N GLU A 275 -9.66 13.61 -9.12
CA GLU A 275 -9.35 12.77 -10.28
C GLU A 275 -7.85 12.53 -10.41
N ARG A 276 -7.03 13.51 -10.04
CA ARG A 276 -5.58 13.34 -10.09
C ARG A 276 -5.08 12.25 -9.16
N ALA A 277 -5.85 11.91 -8.12
CA ALA A 277 -5.45 10.88 -7.18
C ALA A 277 -5.78 9.47 -7.65
N VAL A 278 -6.28 9.31 -8.88
CA VAL A 278 -6.59 7.99 -9.40
C VAL A 278 -5.33 7.15 -9.54
N THR A 279 -4.15 7.77 -9.65
CA THR A 279 -2.92 7.02 -9.72
C THR A 279 -2.55 6.36 -8.40
N ASP A 280 -3.21 6.74 -7.30
CA ASP A 280 -3.01 6.07 -6.02
C ASP A 280 -3.49 4.62 -6.03
N VAL A 281 -4.36 4.26 -6.97
CA VAL A 281 -4.84 2.89 -7.08
C VAL A 281 -4.04 2.06 -8.08
N ASP A 282 -3.03 2.65 -8.72
CA ASP A 282 -2.19 1.89 -9.64
C ASP A 282 -1.36 0.86 -8.91
N CYS A 283 -0.88 1.20 -7.70
CA CYS A 283 -0.11 0.26 -6.88
C CYS A 283 -0.94 -0.91 -6.38
N LEU A 284 -2.24 -0.94 -6.68
CA LEU A 284 -3.10 -2.05 -6.31
C LEU A 284 -3.46 -2.94 -7.49
N LEU A 285 -3.17 -2.51 -8.72
CA LEU A 285 -3.72 -3.11 -9.92
C LEU A 285 -2.63 -3.67 -10.83
N ASP A 286 -3.05 -4.51 -11.76
CA ASP A 286 -2.22 -4.91 -12.89
C ASP A 286 -2.53 -3.97 -14.06
N GLY A 287 -2.08 -4.33 -15.26
CA GLY A 287 -2.29 -3.44 -16.40
C GLY A 287 -3.74 -3.39 -16.85
N ALA A 288 -4.39 -4.54 -16.94
CA ALA A 288 -5.79 -4.56 -17.35
C ALA A 288 -6.67 -3.82 -16.36
N GLY A 289 -6.35 -3.92 -15.07
CA GLY A 289 -7.12 -3.19 -14.08
C GLY A 289 -6.96 -1.69 -14.21
N ARG A 290 -5.71 -1.22 -14.34
CA ARG A 290 -5.48 0.19 -14.54
C ARG A 290 -6.21 0.70 -15.78
N GLU A 291 -6.23 -0.11 -16.84
CA GLU A 291 -6.98 0.27 -18.03
C GLU A 291 -8.47 0.37 -17.74
N ALA A 292 -8.98 -0.56 -16.93
CA ALA A 292 -10.40 -0.54 -16.57
C ALA A 292 -10.75 0.73 -15.81
N VAL A 293 -9.94 1.10 -14.80
CA VAL A 293 -10.18 2.32 -14.05
C VAL A 293 -10.15 3.53 -14.98
N ARG A 294 -9.14 3.58 -15.86
CA ARG A 294 -9.04 4.68 -16.82
C ARG A 294 -10.33 4.84 -17.63
N ARG A 295 -10.80 3.74 -18.23
CA ARG A 295 -12.02 3.83 -19.03
C ARG A 295 -13.24 4.17 -18.19
N PHE A 296 -13.24 3.76 -16.92
CA PHE A 296 -14.37 4.11 -16.05
C PHE A 296 -14.44 5.62 -15.83
N VAL A 297 -13.31 6.25 -15.50
CA VAL A 297 -13.31 7.69 -15.28
C VAL A 297 -13.70 8.42 -16.56
N GLU A 298 -13.20 7.95 -17.71
CA GLU A 298 -13.62 8.55 -18.97
C GLU A 298 -15.13 8.42 -19.17
N GLY A 299 -15.71 7.28 -18.75
CA GLY A 299 -17.14 7.12 -18.84
C GLY A 299 -17.91 8.10 -17.96
N LEU A 300 -17.33 8.43 -16.79
CA LEU A 300 -17.92 9.49 -15.98
C LEU A 300 -17.93 10.82 -16.74
N HIS A 301 -16.80 11.16 -17.36
CA HIS A 301 -16.77 12.35 -18.24
C HIS A 301 -17.93 12.32 -19.23
N ASP A 302 -18.10 11.18 -19.90
CA ASP A 302 -19.14 11.07 -20.92
C ASP A 302 -20.54 11.22 -20.30
N LEU A 303 -20.74 10.75 -19.08
CA LEU A 303 -22.04 10.92 -18.44
C LEU A 303 -22.34 12.40 -18.21
N VAL A 304 -21.40 13.14 -17.62
CA VAL A 304 -21.69 14.54 -17.31
C VAL A 304 -21.86 15.35 -18.60
N ARG A 305 -20.90 15.24 -19.52
CA ARG A 305 -20.95 16.04 -20.74
C ARG A 305 -22.15 15.68 -21.59
N GLY A 306 -22.39 14.38 -21.79
CA GLY A 306 -23.52 13.95 -22.59
C GLY A 306 -24.85 14.37 -21.99
N ASP A 307 -24.98 14.28 -20.66
CA ASP A 307 -26.21 14.73 -20.03
C ASP A 307 -26.43 16.22 -20.26
N ASN A 308 -25.35 17.01 -20.20
CA ASN A 308 -25.50 18.44 -20.44
C ASN A 308 -25.93 18.72 -21.88
N GLU A 309 -25.30 18.05 -22.85
CA GLU A 309 -25.67 18.24 -24.25
C GLU A 309 -27.12 17.86 -24.50
N TRP A 310 -27.53 16.68 -24.04
CA TRP A 310 -28.90 16.24 -24.26
C TRP A 310 -29.90 17.17 -23.58
N GLU A 311 -29.53 17.71 -22.42
CA GLU A 311 -30.37 18.73 -21.79
C GLU A 311 -30.46 19.97 -22.68
N ARG A 312 -29.37 20.31 -23.38
CA ARG A 312 -29.38 21.50 -24.22
C ARG A 312 -30.28 21.30 -25.44
N THR A 313 -30.25 20.11 -26.04
CA THR A 313 -31.01 19.89 -27.27
C THR A 313 -32.40 19.30 -27.04
N THR A 314 -32.65 18.73 -25.86
CA THR A 314 -33.87 17.98 -25.64
C THR A 314 -34.41 18.21 -24.23
N LEU B 9 -24.83 8.37 28.24
CA LEU B 9 -25.80 8.31 27.15
C LEU B 9 -27.23 8.38 27.70
N PRO B 10 -28.17 8.84 26.87
CA PRO B 10 -29.55 9.00 27.35
C PRO B 10 -30.38 7.74 27.24
N TRP B 11 -29.72 6.59 27.06
CA TRP B 11 -30.42 5.33 26.91
C TRP B 11 -29.97 4.33 27.99
N PRO B 12 -30.87 3.44 28.43
CA PRO B 12 -30.48 2.45 29.44
C PRO B 12 -29.46 1.46 28.92
N LEU B 13 -28.83 0.76 29.85
CA LEU B 13 -27.80 -0.23 29.56
C LEU B 13 -28.39 -1.63 29.63
N ARG B 14 -28.15 -2.43 28.59
CA ARG B 14 -28.63 -3.80 28.52
C ARG B 14 -27.47 -4.74 28.20
N LYS B 15 -27.62 -6.00 28.62
CA LYS B 15 -26.57 -7.00 28.43
C LYS B 15 -27.21 -8.35 28.16
N HIS B 16 -26.48 -9.24 27.38
CA HIS B 16 -27.04 -10.50 26.93
C HIS B 16 -26.80 -11.62 27.94
N PRO B 17 -27.73 -12.56 28.01
CA PRO B 17 -27.56 -13.71 28.93
C PRO B 17 -26.35 -14.58 28.66
N GLY B 18 -26.15 -15.04 27.43
CA GLY B 18 -25.26 -16.15 27.20
C GLY B 18 -23.78 -15.82 27.13
N VAL B 19 -23.39 -14.67 27.70
CA VAL B 19 -22.01 -14.21 27.63
C VAL B 19 -21.06 -15.30 28.12
N ALA B 20 -21.46 -16.03 29.16
CA ALA B 20 -20.64 -17.14 29.62
C ALA B 20 -20.69 -18.30 28.64
N GLY B 21 -21.90 -18.73 28.27
CA GLY B 21 -22.03 -19.88 27.40
C GLY B 21 -21.42 -19.63 26.04
N ALA B 22 -21.62 -18.42 25.50
CA ALA B 22 -20.99 -18.08 24.23
C ALA B 22 -19.48 -18.12 24.39
N ARG B 23 -18.97 -17.59 25.51
CA ARG B 23 -17.53 -17.68 25.79
C ARG B 23 -17.08 -19.13 25.69
N GLU B 24 -17.87 -20.06 26.21
CA GLU B 24 -17.51 -21.46 26.09
C GLU B 24 -17.59 -21.91 24.63
N HIS B 25 -18.73 -21.63 23.98
CA HIS B 25 -18.90 -22.04 22.59
C HIS B 25 -17.80 -21.49 21.71
N CYS B 26 -17.44 -20.22 21.89
CA CYS B 26 -16.40 -19.61 21.08
C CYS B 26 -15.10 -20.38 21.21
N LEU B 27 -14.76 -20.80 22.43
CA LEU B 27 -13.50 -21.51 22.65
C LEU B 27 -13.44 -22.80 21.86
N GLY B 28 -14.59 -23.37 21.50
CA GLY B 28 -14.60 -24.55 20.66
C GLY B 28 -14.54 -24.17 19.20
N TRP B 29 -15.26 -23.11 18.82
CA TRP B 29 -15.25 -22.66 17.44
C TRP B 29 -13.84 -22.24 17.02
N LEU B 30 -13.08 -21.64 17.93
CA LEU B 30 -11.69 -21.31 17.65
C LEU B 30 -10.87 -22.56 17.38
N ALA B 31 -11.16 -23.66 18.08
CA ALA B 31 -10.39 -24.88 17.89
C ALA B 31 -10.84 -25.64 16.65
N ALA B 32 -12.15 -25.73 16.42
CA ALA B 32 -12.68 -26.42 15.25
C ALA B 32 -12.41 -25.68 13.95
N GLN B 33 -11.80 -24.50 13.99
CA GLN B 33 -11.44 -23.75 12.79
C GLN B 33 -9.93 -23.59 12.63
N GLY B 34 -9.13 -24.24 13.47
CA GLY B 34 -7.69 -24.11 13.36
C GLY B 34 -7.13 -22.80 13.84
N LEU B 35 -7.82 -22.12 14.76
CA LEU B 35 -7.38 -20.84 15.29
C LEU B 35 -6.73 -20.98 16.67
N ALA B 36 -6.53 -22.20 17.15
CA ALA B 36 -5.88 -22.41 18.43
C ALA B 36 -4.36 -22.34 18.29
N LEU B 41 0.01 -18.05 21.22
CA LEU B 41 -1.43 -18.09 21.03
C LEU B 41 -2.02 -16.68 20.93
N THR B 42 -3.18 -16.57 20.29
CA THR B 42 -3.91 -15.31 20.19
C THR B 42 -5.19 -15.28 21.00
N ALA B 43 -5.71 -16.43 21.42
CA ALA B 43 -6.88 -16.48 22.29
C ALA B 43 -6.62 -15.86 23.65
N GLU B 44 -5.37 -15.52 23.96
CA GLU B 44 -5.06 -14.80 25.18
C GLU B 44 -5.48 -13.33 25.10
N THR B 45 -5.72 -12.83 23.90
CA THR B 45 -6.25 -11.48 23.74
C THR B 45 -7.77 -11.44 23.69
N PHE B 46 -8.40 -12.58 23.39
CA PHE B 46 -9.86 -12.63 23.42
C PHE B 46 -10.39 -12.50 24.85
N VAL B 47 -9.83 -13.27 25.78
CA VAL B 47 -10.26 -13.19 27.17
C VAL B 47 -9.68 -11.96 27.86
N THR B 48 -8.62 -11.37 27.31
CA THR B 48 -8.07 -10.16 27.90
C THR B 48 -8.87 -8.92 27.49
N TRP B 49 -9.21 -8.82 26.20
CA TRP B 49 -9.96 -7.67 25.71
C TRP B 49 -11.45 -7.74 26.02
N GLN B 50 -11.93 -8.86 26.56
CA GLN B 50 -13.34 -9.05 26.90
C GLN B 50 -14.23 -8.81 25.67
N LEU B 51 -14.01 -9.64 24.65
CA LEU B 51 -14.81 -9.52 23.43
C LEU B 51 -16.19 -10.14 23.59
N ASP B 52 -16.31 -11.19 24.39
CA ASP B 52 -17.62 -11.79 24.65
C ASP B 52 -18.53 -10.81 25.39
N GLU B 53 -17.97 -10.04 26.32
CA GLU B 53 -18.74 -9.02 27.01
C GLU B 53 -19.20 -7.93 26.04
N LEU B 54 -18.33 -7.58 25.08
CA LEU B 54 -18.72 -6.61 24.06
C LEU B 54 -19.82 -7.15 23.16
N ALA B 55 -19.75 -8.44 22.84
CA ALA B 55 -20.85 -9.06 22.11
C ALA B 55 -22.13 -9.07 22.93
N GLY B 56 -22.01 -9.15 24.25
CA GLY B 56 -23.19 -9.08 25.10
C GLY B 56 -23.80 -7.70 25.17
N TYR B 57 -22.96 -6.66 25.08
CA TYR B 57 -23.48 -5.30 25.07
C TYR B 57 -24.03 -4.90 23.71
N PHE B 58 -23.38 -5.34 22.62
CA PHE B 58 -23.83 -4.95 21.28
C PHE B 58 -25.20 -5.52 20.95
N PHE B 59 -25.47 -6.76 21.34
CA PHE B 59 -26.70 -7.46 20.99
C PHE B 59 -27.32 -8.04 22.24
N PRO B 60 -28.01 -7.22 23.03
CA PRO B 60 -28.61 -7.73 24.28
C PRO B 60 -29.87 -8.55 24.10
N ARG B 61 -30.72 -8.16 23.14
CA ARG B 61 -31.96 -8.88 22.87
C ARG B 61 -31.80 -9.97 21.81
N ALA B 62 -30.58 -10.42 21.55
CA ALA B 62 -30.35 -11.46 20.58
C ALA B 62 -30.62 -12.85 21.18
N THR B 63 -30.83 -13.82 20.31
CA THR B 63 -30.93 -15.20 20.73
C THR B 63 -29.53 -15.76 21.03
N GLN B 64 -29.51 -16.88 21.76
CA GLN B 64 -28.23 -17.48 22.14
C GLN B 64 -27.40 -17.84 20.92
N GLU B 65 -28.03 -18.42 19.89
CA GLU B 65 -27.35 -18.69 18.64
C GLU B 65 -26.76 -17.42 18.04
N GLY B 66 -27.52 -16.33 18.10
CA GLY B 66 -27.02 -15.07 17.57
C GLY B 66 -25.83 -14.54 18.35
N LEU B 67 -25.89 -14.61 19.68
CA LEU B 67 -24.76 -14.15 20.49
C LEU B 67 -23.52 -14.99 20.22
N GLU B 68 -23.70 -16.30 20.00
CA GLU B 68 -22.54 -17.13 19.66
C GLU B 68 -21.96 -16.69 18.32
N LEU B 69 -22.83 -16.34 17.38
CA LEU B 69 -22.35 -15.92 16.06
C LEU B 69 -21.59 -14.60 16.15
N ALA B 70 -22.17 -13.61 16.83
CA ALA B 70 -21.51 -12.31 16.95
C ALA B 70 -20.20 -12.42 17.72
N THR B 71 -20.13 -13.30 18.72
CA THR B 71 -18.88 -13.48 19.45
C THR B 71 -17.81 -14.07 18.54
N ASP B 72 -18.18 -15.10 17.77
CA ASP B 72 -17.25 -15.66 16.81
C ASP B 72 -16.74 -14.61 15.84
N LEU B 73 -17.64 -13.74 15.36
CA LEU B 73 -17.20 -12.70 14.43
C LEU B 73 -16.26 -11.71 15.11
N MET B 74 -16.50 -11.41 16.39
CA MET B 74 -15.63 -10.46 17.09
C MET B 74 -14.22 -11.01 17.20
N VAL B 75 -14.08 -12.27 17.65
CA VAL B 75 -12.76 -12.87 17.72
CA VAL B 75 -12.75 -12.85 17.73
C VAL B 75 -12.14 -12.99 16.34
N TRP B 76 -12.97 -13.20 15.31
CA TRP B 76 -12.44 -13.23 13.95
C TRP B 76 -11.89 -11.87 13.55
N TYR B 77 -12.48 -10.79 14.05
CA TYR B 77 -11.94 -9.46 13.78
C TYR B 77 -10.60 -9.27 14.49
N PHE B 78 -10.52 -9.62 15.77
CA PHE B 78 -9.30 -9.21 16.45
C PHE B 78 -8.13 -10.17 16.29
N ALA B 79 -8.36 -11.49 16.37
CA ALA B 79 -7.20 -12.37 16.25
C ALA B 79 -6.74 -12.65 14.82
N PRO B 80 -7.51 -13.39 13.98
CA PRO B 80 -6.93 -13.85 12.71
C PRO B 80 -6.94 -12.82 11.59
N PHE B 81 -7.99 -12.00 11.52
CA PHE B 81 -8.15 -11.08 10.39
C PHE B 81 -7.07 -10.00 10.41
N ASP B 82 -6.82 -9.41 11.58
CA ASP B 82 -5.78 -8.40 11.71
C ASP B 82 -4.38 -9.01 11.69
N ASP B 83 -4.25 -10.30 11.95
CA ASP B 83 -2.94 -10.95 11.82
C ASP B 83 -2.49 -11.06 10.37
N GLN B 84 -3.33 -10.66 9.41
CA GLN B 84 -2.93 -10.53 8.02
C GLN B 84 -2.43 -9.13 7.72
N PHE B 85 -3.17 -8.11 8.16
CA PHE B 85 -2.74 -6.73 8.04
C PHE B 85 -1.75 -6.33 9.11
N ASP B 86 -1.12 -7.27 9.79
CA ASP B 86 -0.11 -6.89 10.76
C ASP B 86 1.09 -6.33 10.03
N GLY B 87 1.26 -5.01 10.09
CA GLY B 87 2.35 -4.36 9.40
C GLY B 87 2.18 -4.26 7.90
N ALA B 88 0.96 -4.04 7.43
CA ALA B 88 0.76 -3.77 6.01
C ALA B 88 1.21 -2.35 5.68
N LEU B 89 1.11 -2.00 4.40
CA LEU B 89 1.56 -0.72 3.88
C LEU B 89 3.07 -0.52 4.04
N GLY B 90 3.79 -1.55 4.45
CA GLY B 90 5.24 -1.52 4.44
C GLY B 90 5.86 -2.64 3.64
N ARG B 91 5.18 -3.80 3.57
CA ARG B 91 5.64 -4.88 2.70
C ARG B 91 4.48 -5.55 1.98
N ASP B 92 3.49 -4.76 1.54
CA ASP B 92 2.33 -5.42 0.93
C ASP B 92 1.54 -4.50 0.00
N PRO B 93 1.99 -4.28 -1.24
CA PRO B 93 1.19 -3.49 -2.20
C PRO B 93 -0.06 -4.22 -2.67
N ARG B 94 0.11 -5.45 -3.18
CA ARG B 94 -1.01 -6.23 -3.68
C ARG B 94 -1.21 -7.53 -2.90
N ARG B 95 -0.43 -7.77 -1.84
CA ARG B 95 -0.62 -8.96 -1.03
C ARG B 95 -1.84 -8.80 -0.13
N THR B 96 -1.95 -7.65 0.55
CA THR B 96 -3.14 -7.37 1.36
C THR B 96 -4.40 -7.30 0.50
N ALA B 97 -4.26 -6.84 -0.74
CA ALA B 97 -5.42 -6.73 -1.62
C ALA B 97 -5.81 -8.10 -2.16
N GLY B 98 -4.84 -9.01 -2.29
CA GLY B 98 -5.16 -10.36 -2.69
C GLY B 98 -5.71 -11.18 -1.53
N VAL B 99 -5.33 -10.83 -0.30
CA VAL B 99 -5.95 -11.46 0.87
C VAL B 99 -7.41 -11.04 0.98
N CYS B 100 -7.67 -9.73 0.87
CA CYS B 100 -9.06 -9.25 0.91
C CYS B 100 -9.85 -9.81 -0.27
N ALA B 101 -9.22 -9.86 -1.45
CA ALA B 101 -9.88 -10.42 -2.63
C ALA B 101 -10.20 -11.89 -2.42
N GLY B 102 -9.27 -12.66 -1.85
CA GLY B 102 -9.53 -14.06 -1.58
C GLY B 102 -10.66 -14.28 -0.59
N LEU B 103 -10.73 -13.44 0.45
CA LEU B 103 -11.84 -13.58 1.38
C LEU B 103 -13.17 -13.23 0.73
N ALA B 104 -13.16 -12.23 -0.16
CA ALA B 104 -14.37 -11.94 -0.94
C ALA B 104 -14.72 -13.11 -1.85
N GLU B 105 -13.71 -13.78 -2.40
CA GLU B 105 -13.93 -15.01 -3.16
C GLU B 105 -14.54 -16.08 -2.28
N VAL B 106 -14.23 -16.06 -0.98
CA VAL B 106 -14.89 -16.99 -0.07
C VAL B 106 -16.35 -16.62 0.07
N LEU B 107 -16.65 -15.32 0.09
CA LEU B 107 -18.05 -14.88 0.17
C LEU B 107 -18.83 -15.29 -1.07
N TYR B 108 -18.27 -15.04 -2.26
CA TYR B 108 -18.97 -15.35 -3.50
C TYR B 108 -18.79 -16.78 -3.97
N GLY B 109 -17.68 -17.43 -3.65
CA GLY B 109 -17.44 -18.79 -4.08
C GLY B 109 -17.11 -18.93 -5.56
N VAL B 110 -15.90 -18.48 -5.93
CA VAL B 110 -15.41 -18.48 -7.30
C VAL B 110 -14.80 -19.85 -7.61
N PRO B 111 -14.68 -20.25 -8.89
CA PRO B 111 -14.06 -21.55 -9.19
C PRO B 111 -12.69 -21.76 -8.58
N GLU B 112 -11.81 -20.75 -8.65
CA GLU B 112 -10.45 -20.85 -8.10
C GLU B 112 -10.38 -19.91 -6.91
N PRO B 113 -10.69 -20.37 -5.69
CA PRO B 113 -10.63 -19.48 -4.53
C PRO B 113 -9.20 -19.21 -4.07
N GLY B 114 -8.29 -20.13 -4.36
CA GLY B 114 -6.90 -19.96 -4.01
C GLY B 114 -6.56 -20.46 -2.62
N PRO B 115 -5.33 -20.19 -2.16
CA PRO B 115 -4.91 -20.64 -0.83
C PRO B 115 -5.55 -19.85 0.31
N VAL B 116 -6.13 -18.68 0.03
CA VAL B 116 -6.73 -17.90 1.11
C VAL B 116 -8.01 -18.55 1.60
N ALA B 117 -8.76 -19.20 0.72
CA ALA B 117 -10.01 -19.85 1.12
C ALA B 117 -9.76 -21.11 1.94
N SER B 118 -8.59 -21.71 1.83
CA SER B 118 -8.24 -22.90 2.61
C SER B 118 -7.48 -22.56 3.89
N SER B 119 -7.26 -21.28 4.16
CA SER B 119 -6.59 -20.87 5.38
C SER B 119 -7.59 -20.81 6.53
N PRO B 120 -7.12 -20.93 7.77
CA PRO B 120 -8.06 -20.90 8.92
C PRO B 120 -8.91 -19.65 8.97
N VAL B 121 -8.35 -18.49 8.63
CA VAL B 121 -9.14 -17.27 8.63
C VAL B 121 -10.19 -17.31 7.53
N GLY B 122 -9.85 -17.88 6.37
CA GLY B 122 -10.79 -17.96 5.27
C GLY B 122 -11.85 -19.02 5.47
N ARG B 123 -11.45 -20.19 5.97
CA ARG B 123 -12.43 -21.20 6.35
C ARG B 123 -13.39 -20.66 7.40
N ALA B 124 -12.83 -19.99 8.43
CA ALA B 124 -13.68 -19.45 9.49
C ALA B 124 -14.61 -18.37 8.94
N LEU B 125 -14.14 -17.56 8.00
CA LEU B 125 -15.02 -16.57 7.39
C LEU B 125 -16.11 -17.24 6.56
N GLY B 126 -15.78 -18.35 5.90
CA GLY B 126 -16.81 -19.11 5.20
C GLY B 126 -17.86 -19.65 6.15
N ASP B 127 -17.44 -20.13 7.33
CA ASP B 127 -18.40 -20.60 8.31
C ASP B 127 -19.26 -19.46 8.85
N LEU B 128 -18.63 -18.32 9.15
CA LEU B 128 -19.38 -17.17 9.66
C LEU B 128 -20.40 -16.68 8.64
N TRP B 129 -20.03 -16.63 7.37
CA TRP B 129 -20.98 -16.20 6.34
C TRP B 129 -22.06 -17.24 6.14
N ARG B 130 -21.71 -18.51 6.23
CA ARG B 130 -22.69 -19.58 6.09
C ARG B 130 -23.73 -19.54 7.20
N ARG B 131 -23.30 -19.21 8.43
CA ARG B 131 -24.23 -19.09 9.55
C ARG B 131 -25.02 -17.79 9.50
N SER B 132 -24.41 -16.71 9.02
CA SER B 132 -25.08 -15.41 9.01
C SER B 132 -26.25 -15.38 8.03
N CYS B 133 -26.15 -16.13 6.92
CA CYS B 133 -27.17 -16.08 5.89
C CYS B 133 -28.39 -16.95 6.18
N THR B 134 -28.33 -17.78 7.23
CA THR B 134 -29.43 -18.69 7.50
C THR B 134 -30.66 -17.93 7.99
N GLY B 135 -31.81 -18.20 7.35
CA GLY B 135 -33.05 -17.56 7.72
C GLY B 135 -33.28 -16.18 7.15
N MET B 136 -32.25 -15.54 6.60
CA MET B 136 -32.39 -14.20 6.06
C MET B 136 -32.85 -14.24 4.61
N SER B 137 -33.44 -13.13 4.17
CA SER B 137 -33.99 -13.00 2.83
C SER B 137 -32.91 -12.58 1.85
N PRO B 138 -33.15 -12.75 0.55
CA PRO B 138 -32.12 -12.34 -0.44
C PRO B 138 -31.76 -10.86 -0.38
N PHE B 139 -32.67 -10.00 0.09
CA PHE B 139 -32.33 -8.59 0.20
C PHE B 139 -31.27 -8.37 1.27
N TRP B 140 -31.41 -9.05 2.42
CA TRP B 140 -30.42 -8.94 3.48
C TRP B 140 -29.10 -9.58 3.07
N ARG B 141 -29.16 -10.73 2.39
CA ARG B 141 -27.93 -11.39 1.97
C ARG B 141 -27.16 -10.54 0.96
N THR B 142 -27.87 -10.00 -0.04
CA THR B 142 -27.22 -9.13 -1.01
C THR B 142 -26.62 -7.90 -0.35
N ARG B 143 -27.42 -7.23 0.50
CA ARG B 143 -26.95 -5.99 1.12
C ARG B 143 -25.78 -6.23 2.06
N ALA B 144 -25.84 -7.30 2.85
CA ALA B 144 -24.77 -7.60 3.79
C ALA B 144 -23.52 -8.09 3.09
N ARG B 145 -23.68 -8.81 1.97
CA ARG B 145 -22.50 -9.19 1.19
C ARG B 145 -21.86 -7.96 0.57
N HIS B 146 -22.67 -6.97 0.20
CA HIS B 146 -22.10 -5.72 -0.31
C HIS B 146 -21.39 -4.95 0.78
N ASN B 147 -21.95 -4.92 1.99
CA ASN B 147 -21.29 -4.23 3.09
C ASN B 147 -19.99 -4.93 3.48
N TRP B 148 -19.97 -6.27 3.45
CA TRP B 148 -18.72 -6.99 3.67
C TRP B 148 -17.69 -6.64 2.61
N THR B 149 -18.12 -6.58 1.34
CA THR B 149 -17.19 -6.26 0.26
C THR B 149 -16.62 -4.85 0.42
N GLY B 150 -17.48 -3.89 0.77
CA GLY B 150 -17.01 -2.54 0.99
C GLY B 150 -16.09 -2.42 2.19
N TYR B 151 -16.38 -3.20 3.25
CA TYR B 151 -15.50 -3.19 4.41
C TYR B 151 -14.10 -3.69 4.04
N LEU B 152 -14.03 -4.87 3.42
CA LEU B 152 -12.73 -5.41 3.02
C LEU B 152 -12.03 -4.49 2.03
N ALA B 153 -12.79 -3.80 1.18
CA ALA B 153 -12.19 -2.92 0.19
C ALA B 153 -11.57 -1.69 0.85
N ALA B 154 -12.36 -0.95 1.62
CA ALA B 154 -11.83 0.22 2.33
C ALA B 154 -10.75 -0.16 3.33
N HIS B 155 -10.76 -1.41 3.82
CA HIS B 155 -9.69 -1.87 4.70
C HIS B 155 -8.42 -2.17 3.91
N THR B 156 -8.56 -2.53 2.63
CA THR B 156 -7.40 -2.64 1.75
C THR B 156 -6.85 -1.26 1.37
N ALA B 157 -7.74 -0.31 1.09
CA ALA B 157 -7.34 1.03 0.66
C ALA B 157 -6.47 1.75 1.68
N GLU B 158 -6.50 1.33 2.94
CA GLU B 158 -5.68 1.95 3.97
C GLU B 158 -4.22 1.51 3.92
N SER B 159 -3.78 0.89 2.82
CA SER B 159 -2.39 0.53 2.60
C SER B 159 -1.90 1.31 1.39
N VAL B 160 -1.46 2.55 1.63
CA VAL B 160 -0.88 3.37 0.58
C VAL B 160 0.52 3.83 0.98
N ALA B 180 -15.14 3.65 6.24
CA ALA B 180 -16.21 2.71 6.56
C ALA B 180 -15.65 1.49 7.30
N THR B 181 -15.71 1.54 8.63
CA THR B 181 -15.16 0.48 9.47
C THR B 181 -16.13 -0.70 9.52
N SER B 182 -15.87 -1.63 10.44
CA SER B 182 -16.64 -2.87 10.55
C SER B 182 -18.01 -2.68 11.19
N SER B 183 -18.39 -1.44 11.53
CA SER B 183 -19.67 -1.22 12.17
C SER B 183 -20.87 -1.50 11.27
N HIS B 184 -20.70 -1.43 9.95
CA HIS B 184 -21.84 -1.59 9.06
C HIS B 184 -22.31 -3.04 9.01
N VAL B 185 -21.38 -3.99 9.07
CA VAL B 185 -21.78 -5.40 9.05
C VAL B 185 -22.37 -5.79 10.39
N ILE B 186 -21.94 -5.14 11.48
CA ILE B 186 -22.55 -5.38 12.79
C ILE B 186 -23.97 -4.85 12.80
N MET B 187 -24.18 -3.67 12.21
CA MET B 187 -25.53 -3.15 12.08
C MET B 187 -26.37 -4.01 11.15
N ASP B 188 -25.72 -4.74 10.24
CA ASP B 188 -26.42 -5.78 9.51
C ASP B 188 -26.68 -7.01 10.39
N LEU B 189 -25.87 -7.19 11.44
CA LEU B 189 -26.06 -8.33 12.34
C LEU B 189 -27.16 -8.11 13.35
N ILE B 190 -27.61 -6.87 13.56
CA ILE B 190 -28.71 -6.67 14.49
C ILE B 190 -29.96 -7.43 14.02
N GLU B 191 -30.27 -7.36 12.73
CA GLU B 191 -31.41 -8.09 12.18
C GLU B 191 -31.21 -9.59 12.28
N ARG B 192 -30.00 -10.07 11.97
CA ARG B 192 -29.74 -11.51 11.97
C ARG B 192 -29.87 -12.10 13.37
N THR B 193 -29.21 -11.48 14.35
CA THR B 193 -29.25 -11.99 15.71
C THR B 193 -30.58 -11.71 16.41
N GLY B 194 -31.35 -10.74 15.92
CA GLY B 194 -32.60 -10.41 16.57
C GLY B 194 -33.81 -11.17 16.09
N GLY B 195 -33.66 -12.03 15.09
CA GLY B 195 -34.78 -12.80 14.57
C GLY B 195 -35.85 -11.96 13.90
N PHE B 196 -35.45 -10.97 13.11
CA PHE B 196 -36.37 -10.12 12.38
C PHE B 196 -35.62 -9.55 11.18
N GLU B 197 -36.32 -8.77 10.36
CA GLU B 197 -35.68 -8.18 9.20
C GLU B 197 -36.41 -6.92 8.79
N VAL B 198 -35.65 -5.84 8.59
CA VAL B 198 -36.21 -4.57 8.14
C VAL B 198 -36.38 -4.62 6.62
N PRO B 199 -37.55 -4.27 6.09
CA PRO B 199 -37.74 -4.29 4.63
C PRO B 199 -36.71 -3.41 3.92
N ALA B 200 -36.32 -3.84 2.72
CA ALA B 200 -35.23 -3.19 2.01
C ALA B 200 -35.61 -1.79 1.53
N MET B 201 -36.91 -1.54 1.27
CA MET B 201 -37.31 -0.25 0.73
C MET B 201 -37.18 0.86 1.78
N VAL B 202 -37.41 0.55 3.05
CA VAL B 202 -37.18 1.53 4.11
C VAL B 202 -35.80 1.40 4.73
N TRP B 203 -35.08 0.30 4.47
CA TRP B 203 -33.71 0.17 4.93
C TRP B 203 -32.82 1.26 4.33
N HIS B 204 -33.10 1.66 3.08
CA HIS B 204 -32.33 2.68 2.40
C HIS B 204 -32.93 4.07 2.55
N HIS B 205 -34.00 4.21 3.33
CA HIS B 205 -34.60 5.51 3.54
C HIS B 205 -33.60 6.43 4.23
N PRO B 206 -33.52 7.71 3.84
CA PRO B 206 -32.46 8.57 4.37
C PRO B 206 -32.44 8.71 5.88
N VAL B 207 -33.57 8.49 6.55
CA VAL B 207 -33.59 8.56 8.01
C VAL B 207 -32.71 7.47 8.60
N LEU B 208 -32.92 6.23 8.17
CA LEU B 208 -32.12 5.13 8.69
C LEU B 208 -30.68 5.20 8.22
N VAL B 209 -30.45 5.73 7.01
CA VAL B 209 -29.09 5.90 6.52
C VAL B 209 -28.32 6.87 7.41
N GLU B 210 -28.94 8.01 7.73
CA GLU B 210 -28.26 8.99 8.58
C GLU B 210 -28.09 8.45 9.99
N LEU B 211 -29.08 7.70 10.50
CA LEU B 211 -28.92 7.08 11.81
C LEU B 211 -27.75 6.11 11.83
N ARG B 212 -27.56 5.35 10.75
CA ARG B 212 -26.42 4.44 10.67
C ARG B 212 -25.10 5.19 10.56
N THR B 213 -25.10 6.37 9.92
CA THR B 213 -23.85 7.12 9.79
C THR B 213 -23.46 7.75 11.13
N LEU B 214 -24.43 8.37 11.80
CA LEU B 214 -24.17 8.91 13.13
C LEU B 214 -23.76 7.80 14.10
N THR B 215 -24.43 6.65 14.02
CA THR B 215 -24.07 5.53 14.88
C THR B 215 -22.64 5.07 14.62
N SER B 216 -22.27 4.90 13.35
CA SER B 216 -20.92 4.48 13.02
C SER B 216 -19.88 5.53 13.38
N GLU B 217 -20.27 6.79 13.50
CA GLU B 217 -19.30 7.81 13.90
C GLU B 217 -18.98 7.74 15.39
N MET B 218 -19.98 7.40 16.21
CA MET B 218 -19.78 7.30 17.65
C MET B 218 -19.15 5.98 18.09
N ILE B 219 -18.60 5.20 17.17
CA ILE B 219 -17.92 3.95 17.52
C ILE B 219 -16.46 4.00 17.09
N LEU B 263 -17.65 17.09 20.27
CA LEU B 263 -18.19 16.79 18.94
C LEU B 263 -19.16 15.60 19.00
N THR B 264 -19.01 14.77 20.02
CA THR B 264 -19.90 13.62 20.16
C THR B 264 -21.28 14.02 20.69
N ALA B 265 -21.36 15.07 21.50
CA ALA B 265 -22.67 15.52 21.96
C ALA B 265 -23.51 16.06 20.81
N GLU B 266 -22.87 16.65 19.80
CA GLU B 266 -23.60 17.08 18.61
C GLU B 266 -24.12 15.88 17.82
N ARG B 267 -23.37 14.78 17.83
CA ARG B 267 -23.85 13.58 17.17
C ARG B 267 -25.00 12.94 17.94
N VAL B 268 -24.97 13.02 19.27
CA VAL B 268 -26.08 12.50 20.06
C VAL B 268 -27.34 13.33 19.82
N ALA B 269 -27.20 14.66 19.87
CA ALA B 269 -28.36 15.52 19.63
C ALA B 269 -28.91 15.34 18.22
N ARG B 270 -28.01 15.28 17.22
CA ARG B 270 -28.45 15.04 15.84
C ARG B 270 -29.16 13.70 15.73
N PHE B 271 -28.67 12.68 16.44
CA PHE B 271 -29.34 11.39 16.45
C PHE B 271 -30.76 11.51 16.99
N LEU B 272 -30.89 12.11 18.18
CA LEU B 272 -32.21 12.26 18.78
C LEU B 272 -33.12 13.16 17.95
N ASP B 273 -32.57 13.95 17.04
CA ASP B 273 -33.40 14.75 16.15
C ASP B 273 -33.87 13.95 14.95
N VAL B 274 -32.97 13.20 14.32
CA VAL B 274 -33.35 12.37 13.18
C VAL B 274 -34.29 11.25 13.60
N GLU B 275 -34.18 10.77 14.84
CA GLU B 275 -35.01 9.66 15.30
C GLU B 275 -36.49 10.03 15.33
N ARG B 276 -36.82 11.32 15.39
CA ARG B 276 -38.21 11.74 15.34
C ARG B 276 -38.83 11.41 13.98
N ALA B 277 -38.05 11.51 12.91
CA ALA B 277 -38.55 11.25 11.56
C ALA B 277 -38.77 9.77 11.28
N VAL B 278 -38.48 8.88 12.24
CA VAL B 278 -38.72 7.46 12.03
C VAL B 278 -40.20 7.18 11.82
N THR B 279 -41.07 8.02 12.38
CA THR B 279 -42.50 7.84 12.18
C THR B 279 -42.96 8.35 10.81
N ASP B 280 -42.09 9.06 10.09
CA ASP B 280 -42.42 9.50 8.73
C ASP B 280 -42.29 8.39 7.70
N VAL B 281 -41.75 7.23 8.08
CA VAL B 281 -41.61 6.10 7.18
C VAL B 281 -42.60 4.98 7.54
N ASP B 282 -43.60 5.30 8.35
CA ASP B 282 -44.65 4.34 8.69
C ASP B 282 -45.81 4.37 7.71
N CYS B 283 -45.84 5.34 6.79
CA CYS B 283 -46.82 5.38 5.72
C CYS B 283 -46.48 4.42 4.59
N LEU B 284 -45.32 3.77 4.66
CA LEU B 284 -44.93 2.75 3.71
C LEU B 284 -44.76 1.38 4.36
N LEU B 285 -45.05 1.27 5.65
CA LEU B 285 -44.86 0.05 6.42
C LEU B 285 -46.18 -0.55 6.88
N ASP B 286 -46.07 -1.79 7.39
CA ASP B 286 -47.18 -2.51 7.98
C ASP B 286 -46.83 -2.71 9.46
N GLY B 287 -47.53 -3.60 10.15
CA GLY B 287 -47.27 -3.79 11.57
C GLY B 287 -45.92 -4.42 11.83
N ALA B 288 -45.64 -5.55 11.18
CA ALA B 288 -44.37 -6.23 11.38
C ALA B 288 -43.20 -5.37 10.93
N GLY B 289 -43.38 -4.58 9.87
CA GLY B 289 -42.31 -3.70 9.43
C GLY B 289 -42.01 -2.60 10.44
N ARG B 290 -43.06 -1.96 10.98
CA ARG B 290 -42.84 -0.95 11.99
C ARG B 290 -42.18 -1.53 13.23
N GLU B 291 -42.57 -2.75 13.62
CA GLU B 291 -41.88 -3.40 14.73
C GLU B 291 -40.42 -3.66 14.39
N ALA B 292 -40.13 -3.98 13.13
CA ALA B 292 -38.75 -4.22 12.71
C ALA B 292 -37.93 -2.95 12.83
N VAL B 293 -38.45 -1.82 12.33
CA VAL B 293 -37.71 -0.58 12.43
C VAL B 293 -37.52 -0.18 13.89
N ARG B 294 -38.52 -0.44 14.74
CA ARG B 294 -38.36 -0.17 16.16
C ARG B 294 -37.17 -0.95 16.73
N ARG B 295 -37.12 -2.26 16.45
CA ARG B 295 -36.03 -3.05 17.01
C ARG B 295 -34.68 -2.67 16.41
N PHE B 296 -34.66 -2.20 15.17
CA PHE B 296 -33.38 -1.81 14.58
C PHE B 296 -32.83 -0.53 15.22
N VAL B 297 -33.69 0.46 15.43
CA VAL B 297 -33.23 1.70 16.05
C VAL B 297 -32.83 1.44 17.50
N GLU B 298 -33.59 0.60 18.20
CA GLU B 298 -33.18 0.19 19.54
C GLU B 298 -31.83 -0.51 19.52
N GLY B 299 -31.59 -1.35 18.51
CA GLY B 299 -30.30 -2.00 18.39
C GLY B 299 -29.17 -1.02 18.17
N LEU B 300 -29.44 0.10 17.49
CA LEU B 300 -28.40 1.12 17.36
C LEU B 300 -28.13 1.80 18.70
N HIS B 301 -29.20 2.09 19.45
CA HIS B 301 -29.01 2.56 20.83
C HIS B 301 -28.09 1.62 21.60
N ASP B 302 -28.31 0.31 21.44
CA ASP B 302 -27.53 -0.67 22.18
C ASP B 302 -26.08 -0.71 21.71
N LEU B 303 -25.84 -0.56 20.41
CA LEU B 303 -24.47 -0.48 19.93
C LEU B 303 -23.74 0.70 20.56
N VAL B 304 -24.41 1.85 20.65
CA VAL B 304 -23.72 3.05 21.15
C VAL B 304 -23.46 2.94 22.65
N ARG B 305 -24.54 2.71 23.42
CA ARG B 305 -24.39 2.65 24.88
C ARG B 305 -23.49 1.50 25.29
N GLY B 306 -23.63 0.35 24.63
CA GLY B 306 -22.82 -0.81 24.99
C GLY B 306 -21.35 -0.62 24.65
N ASP B 307 -21.06 -0.07 23.47
CA ASP B 307 -19.67 0.24 23.15
C ASP B 307 -19.09 1.21 24.17
N ASN B 308 -19.86 2.23 24.55
CA ASN B 308 -19.41 3.15 25.58
C ASN B 308 -19.10 2.43 26.88
N GLU B 309 -19.93 1.46 27.27
CA GLU B 309 -19.66 0.71 28.49
C GLU B 309 -18.38 -0.11 28.38
N TRP B 310 -18.22 -0.84 27.26
CA TRP B 310 -17.03 -1.69 27.11
C TRP B 310 -15.75 -0.87 27.11
N GLU B 311 -15.76 0.29 26.45
CA GLU B 311 -14.62 1.20 26.55
C GLU B 311 -14.45 1.70 27.99
N ARG B 312 -15.55 1.92 28.69
CA ARG B 312 -15.49 2.50 30.03
C ARG B 312 -14.84 1.54 31.02
N THR B 313 -15.11 0.25 30.89
CA THR B 313 -14.54 -0.77 31.78
C THR B 313 -13.38 -1.50 31.09
N THR B 314 -12.42 -0.71 30.61
CA THR B 314 -11.25 -1.28 29.93
C THR B 314 -10.10 -0.27 29.93
N PHE C 7 28.97 22.60 -13.59
CA PHE C 7 29.53 22.54 -14.93
C PHE C 7 31.03 22.80 -14.92
N ASP C 8 31.56 23.14 -16.09
CA ASP C 8 33.00 23.31 -16.32
C ASP C 8 33.82 22.24 -15.61
N LEU C 9 33.60 20.99 -16.03
CA LEU C 9 34.29 19.87 -15.42
C LEU C 9 35.65 19.67 -16.06
N PRO C 10 36.62 19.12 -15.31
CA PRO C 10 37.97 18.92 -15.84
C PRO C 10 38.12 17.69 -16.72
N TRP C 11 37.05 16.90 -16.91
CA TRP C 11 37.15 15.66 -17.65
C TRP C 11 36.47 15.77 -19.01
N PRO C 12 37.01 15.12 -20.04
CA PRO C 12 36.38 15.18 -21.37
C PRO C 12 35.11 14.35 -21.43
N LEU C 13 34.19 14.79 -22.28
CA LEU C 13 32.94 14.07 -22.51
C LEU C 13 33.18 12.94 -23.50
N ARG C 14 32.90 11.71 -23.07
CA ARG C 14 33.09 10.53 -23.90
C ARG C 14 31.78 9.75 -24.01
N LYS C 15 31.59 9.07 -25.14
CA LYS C 15 30.31 8.44 -25.46
C LYS C 15 30.53 7.11 -26.17
N HIS C 16 29.78 6.09 -25.74
CA HIS C 16 29.86 4.78 -26.38
C HIS C 16 29.34 4.86 -27.80
N PRO C 17 30.03 4.26 -28.78
CA PRO C 17 29.59 4.40 -30.19
C PRO C 17 28.36 3.58 -30.55
N GLY C 18 27.96 2.61 -29.73
CA GLY C 18 26.93 1.66 -30.13
C GLY C 18 25.54 1.90 -29.57
N VAL C 19 25.19 3.16 -29.33
CA VAL C 19 23.89 3.48 -28.75
C VAL C 19 22.75 2.99 -29.65
N ALA C 20 22.92 3.11 -30.96
CA ALA C 20 21.82 2.85 -31.89
C ALA C 20 21.37 1.39 -31.84
N GLY C 21 22.30 0.45 -31.84
CA GLY C 21 21.94 -0.94 -31.67
C GLY C 21 21.31 -1.21 -30.31
N ALA C 22 21.83 -0.57 -29.27
CA ALA C 22 21.31 -0.79 -27.93
C ALA C 22 19.85 -0.36 -27.83
N ARG C 23 19.45 0.69 -28.55
CA ARG C 23 18.05 1.07 -28.53
C ARG C 23 17.17 -0.02 -29.12
N GLU C 24 17.67 -0.74 -30.12
CA GLU C 24 16.89 -1.78 -30.79
C GLU C 24 16.78 -3.02 -29.91
N HIS C 25 17.92 -3.50 -29.39
CA HIS C 25 17.88 -4.57 -28.41
C HIS C 25 16.95 -4.21 -27.26
N CYS C 26 17.01 -2.97 -26.80
CA CYS C 26 16.19 -2.59 -25.65
C CYS C 26 14.71 -2.58 -25.99
N LEU C 27 14.36 -2.19 -27.22
CA LEU C 27 12.98 -2.33 -27.66
C LEU C 27 12.52 -3.78 -27.61
N GLY C 28 13.36 -4.69 -28.14
CA GLY C 28 13.00 -6.10 -28.09
C GLY C 28 12.86 -6.63 -26.68
N TRP C 29 13.73 -6.16 -25.77
CA TRP C 29 13.67 -6.60 -24.38
C TRP C 29 12.41 -6.10 -23.70
N LEU C 30 12.07 -4.82 -23.90
CA LEU C 30 10.81 -4.29 -23.39
C LEU C 30 9.64 -5.13 -23.87
N ALA C 31 9.66 -5.52 -25.14
CA ALA C 31 8.58 -6.36 -25.66
C ALA C 31 8.54 -7.71 -24.96
N ALA C 32 9.71 -8.35 -24.79
CA ALA C 32 9.76 -9.68 -24.20
C ALA C 32 9.30 -9.69 -22.74
N GLN C 33 9.68 -8.68 -21.96
CA GLN C 33 9.34 -8.64 -20.55
C GLN C 33 7.94 -8.11 -20.28
N GLY C 34 7.16 -7.81 -21.31
CA GLY C 34 5.81 -7.31 -21.09
C GLY C 34 5.74 -5.91 -20.54
N LEU C 35 6.73 -5.07 -20.85
CA LEU C 35 6.77 -3.71 -20.33
C LEU C 35 6.37 -2.68 -21.38
N ALA C 36 6.11 -3.12 -22.61
CA ALA C 36 5.67 -2.24 -23.69
C ALA C 36 4.29 -2.69 -24.15
N ASP C 37 3.33 -1.79 -24.11
CA ASP C 37 1.96 -2.09 -24.50
C ASP C 37 1.86 -2.36 -26.01
N THR C 45 9.73 6.86 -24.03
CA THR C 45 10.88 6.73 -23.14
C THR C 45 12.18 7.03 -23.89
N PHE C 46 12.24 6.64 -25.17
CA PHE C 46 13.39 6.93 -26.01
C PHE C 46 13.20 8.18 -26.85
N VAL C 47 12.01 8.38 -27.42
CA VAL C 47 11.78 9.49 -28.33
C VAL C 47 11.99 10.82 -27.61
N THR C 48 11.40 10.97 -26.42
CA THR C 48 11.46 12.23 -25.69
C THR C 48 12.47 12.24 -24.56
N TRP C 49 12.69 11.11 -23.89
CA TRP C 49 13.57 11.07 -22.72
C TRP C 49 14.99 10.61 -23.03
N GLN C 50 15.23 10.05 -24.22
CA GLN C 50 16.58 9.83 -24.74
C GLN C 50 17.43 8.98 -23.80
N LEU C 51 16.85 7.86 -23.35
CA LEU C 51 17.50 7.04 -22.33
C LEU C 51 18.66 6.22 -22.90
N ASP C 52 18.63 5.91 -24.20
CA ASP C 52 19.73 5.15 -24.79
C ASP C 52 21.02 5.96 -24.77
N GLU C 53 20.95 7.24 -25.11
CA GLU C 53 22.13 8.10 -25.06
C GLU C 53 22.61 8.30 -23.63
N LEU C 54 21.69 8.43 -22.67
CA LEU C 54 22.09 8.50 -21.27
C LEU C 54 22.87 7.25 -20.86
N ALA C 55 22.35 6.07 -21.22
CA ALA C 55 23.09 4.83 -20.98
C ALA C 55 24.46 4.86 -21.64
N GLY C 56 24.54 5.43 -22.85
CA GLY C 56 25.83 5.55 -23.52
C GLY C 56 26.78 6.48 -22.81
N TYR C 57 26.27 7.53 -22.18
CA TYR C 57 27.13 8.46 -21.45
C TYR C 57 27.61 7.86 -20.14
N PHE C 58 26.78 7.07 -19.47
CA PHE C 58 27.19 6.51 -18.18
C PHE C 58 28.29 5.47 -18.34
N PHE C 59 28.21 4.62 -19.37
CA PHE C 59 29.13 3.50 -19.54
C PHE C 59 29.78 3.53 -20.92
N PRO C 60 30.60 4.55 -21.20
CA PRO C 60 31.21 4.64 -22.54
C PRO C 60 32.29 3.60 -22.82
N ARG C 61 32.71 2.83 -21.81
CA ARG C 61 33.72 1.79 -22.01
C ARG C 61 33.13 0.39 -21.97
N ALA C 62 31.81 0.27 -22.07
CA ALA C 62 31.18 -1.04 -22.00
C ALA C 62 31.39 -1.80 -23.29
N THR C 63 31.25 -3.13 -23.19
CA THR C 63 31.01 -3.94 -24.37
C THR C 63 29.61 -3.67 -24.89
N GLN C 64 29.33 -4.16 -26.10
CA GLN C 64 27.99 -4.00 -26.65
C GLN C 64 26.96 -4.68 -25.76
N GLU C 65 27.29 -5.87 -25.24
CA GLU C 65 26.41 -6.55 -24.29
C GLU C 65 26.23 -5.72 -23.02
N GLY C 66 27.32 -5.17 -22.50
CA GLY C 66 27.22 -4.35 -21.30
C GLY C 66 26.43 -3.08 -21.52
N LEU C 67 26.68 -2.40 -22.63
CA LEU C 67 25.88 -1.22 -22.98
C LEU C 67 24.40 -1.56 -23.08
N GLU C 68 24.09 -2.72 -23.68
CA GLU C 68 22.68 -3.12 -23.81
C GLU C 68 22.06 -3.39 -22.43
N LEU C 69 22.82 -4.03 -21.54
CA LEU C 69 22.33 -4.26 -20.19
C LEU C 69 22.08 -2.95 -19.45
N ALA C 70 23.02 -2.00 -19.55
CA ALA C 70 22.83 -0.70 -18.93
C ALA C 70 21.58 -0.01 -19.46
N THR C 71 21.37 -0.08 -20.78
CA THR C 71 20.19 0.55 -21.38
C THR C 71 18.92 -0.07 -20.81
N ASP C 72 18.84 -1.40 -20.80
CA ASP C 72 17.69 -2.08 -20.24
C ASP C 72 17.46 -1.67 -18.79
N LEU C 73 18.53 -1.60 -18.00
CA LEU C 73 18.39 -1.23 -16.59
C LEU C 73 17.81 0.17 -16.43
N MET C 74 18.36 1.14 -17.14
CA MET C 74 17.92 2.51 -16.93
C MET C 74 16.53 2.76 -17.51
N VAL C 75 16.11 1.98 -18.52
CA VAL C 75 14.73 2.03 -18.96
C VAL C 75 13.82 1.44 -17.89
N TRP C 76 14.22 0.32 -17.29
CA TRP C 76 13.49 -0.21 -16.14
C TRP C 76 13.37 0.83 -15.03
N TYR C 77 14.45 1.57 -14.77
CA TYR C 77 14.43 2.63 -13.78
C TYR C 77 13.39 3.69 -14.12
N PHE C 78 13.37 4.12 -15.38
CA PHE C 78 12.63 5.33 -15.70
C PHE C 78 11.12 5.08 -15.85
N ALA C 79 10.71 4.15 -16.71
CA ALA C 79 9.27 4.04 -16.95
C ALA C 79 8.50 3.19 -15.93
N PRO C 80 8.71 1.84 -15.86
CA PRO C 80 7.81 1.02 -15.03
C PRO C 80 7.94 1.28 -13.54
N PHE C 81 9.18 1.20 -13.07
CA PHE C 81 9.46 1.33 -11.64
C PHE C 81 8.94 2.67 -11.12
N ASP C 82 9.33 3.76 -11.78
CA ASP C 82 8.87 5.07 -11.37
C ASP C 82 7.36 5.22 -11.55
N ASP C 83 6.78 4.57 -12.57
CA ASP C 83 5.33 4.57 -12.72
C ASP C 83 4.65 4.01 -11.48
N GLN C 84 5.25 2.98 -10.87
CA GLN C 84 4.69 2.42 -9.64
C GLN C 84 4.55 3.46 -8.53
N PHE C 85 5.30 4.55 -8.59
CA PHE C 85 5.28 5.54 -7.51
C PHE C 85 4.81 6.90 -8.01
N ARG C 95 2.81 1.96 0.04
CA ARG C 95 2.79 1.37 -1.29
C ARG C 95 4.20 1.32 -1.87
N THR C 96 4.89 2.47 -1.81
CA THR C 96 6.29 2.49 -2.19
C THR C 96 7.11 1.52 -1.36
N ALA C 97 6.85 1.48 -0.06
CA ALA C 97 7.50 0.50 0.81
C ALA C 97 7.20 -0.93 0.38
N GLY C 98 5.94 -1.21 0.04
CA GLY C 98 5.58 -2.56 -0.34
C GLY C 98 6.21 -2.98 -1.66
N VAL C 99 6.16 -2.09 -2.66
CA VAL C 99 6.76 -2.40 -3.96
C VAL C 99 8.27 -2.57 -3.81
N CYS C 100 8.91 -1.70 -3.04
CA CYS C 100 10.35 -1.79 -2.84
C CYS C 100 10.73 -3.08 -2.12
N ALA C 101 9.96 -3.46 -1.10
CA ALA C 101 10.24 -4.71 -0.39
C ALA C 101 10.07 -5.91 -1.30
N GLY C 102 8.99 -5.95 -2.07
CA GLY C 102 8.75 -7.09 -2.95
C GLY C 102 9.76 -7.17 -4.08
N LEU C 103 10.21 -6.02 -4.58
CA LEU C 103 11.32 -6.01 -5.54
C LEU C 103 12.60 -6.51 -4.90
N ALA C 104 12.85 -6.13 -3.64
CA ALA C 104 14.00 -6.66 -2.92
C ALA C 104 13.94 -8.18 -2.82
N GLU C 105 12.74 -8.73 -2.61
CA GLU C 105 12.57 -10.18 -2.61
C GLU C 105 13.08 -10.81 -3.91
N VAL C 106 12.84 -10.14 -5.05
CA VAL C 106 13.30 -10.65 -6.34
C VAL C 106 14.80 -10.90 -6.34
N LEU C 107 15.57 -10.06 -5.65
CA LEU C 107 17.02 -10.14 -5.70
C LEU C 107 17.57 -11.27 -4.85
N TYR C 108 16.74 -11.87 -4.00
CA TYR C 108 17.11 -12.97 -3.14
C TYR C 108 16.30 -14.20 -3.55
N GLY C 109 16.81 -15.37 -3.19
CA GLY C 109 16.04 -16.58 -3.44
C GLY C 109 15.06 -16.81 -2.32
N VAL C 110 13.82 -16.35 -2.51
CA VAL C 110 12.78 -16.51 -1.50
C VAL C 110 11.82 -17.61 -1.94
N PRO C 111 11.36 -18.47 -1.02
CA PRO C 111 10.51 -19.61 -1.40
C PRO C 111 9.21 -19.21 -2.07
N GLU C 112 8.37 -18.43 -1.38
CA GLU C 112 7.05 -18.05 -1.87
C GLU C 112 7.00 -16.54 -2.10
N PRO C 113 7.33 -16.08 -3.30
CA PRO C 113 7.32 -14.65 -3.58
C PRO C 113 5.90 -14.09 -3.60
N GLY C 114 5.83 -12.76 -3.52
CA GLY C 114 4.56 -12.06 -3.62
C GLY C 114 4.18 -11.79 -5.05
N PRO C 115 3.08 -11.06 -5.25
CA PRO C 115 2.61 -10.82 -6.63
C PRO C 115 3.48 -9.86 -7.41
N VAL C 116 4.25 -9.01 -6.73
CA VAL C 116 5.11 -8.06 -7.43
C VAL C 116 6.33 -8.76 -8.01
N ALA C 117 6.82 -9.82 -7.35
CA ALA C 117 7.93 -10.57 -7.90
C ALA C 117 7.59 -11.19 -9.25
N SER C 118 6.34 -11.60 -9.44
CA SER C 118 5.89 -12.19 -10.70
C SER C 118 5.23 -11.17 -11.61
N SER C 119 5.19 -9.90 -11.21
CA SER C 119 4.70 -8.84 -12.08
C SER C 119 5.74 -8.54 -13.16
N PRO C 120 5.33 -7.85 -14.23
CA PRO C 120 6.31 -7.52 -15.29
C PRO C 120 7.54 -6.78 -14.79
N VAL C 121 7.37 -5.77 -13.95
CA VAL C 121 8.50 -5.04 -13.40
C VAL C 121 9.40 -5.98 -12.57
N GLY C 122 8.79 -6.90 -11.83
CA GLY C 122 9.57 -7.80 -11.00
C GLY C 122 10.33 -8.83 -11.83
N ARG C 123 9.70 -9.39 -12.85
CA ARG C 123 10.39 -10.37 -13.69
C ARG C 123 11.50 -9.69 -14.50
N ALA C 124 11.25 -8.47 -14.99
CA ALA C 124 12.29 -7.72 -15.66
C ALA C 124 13.45 -7.44 -14.73
N LEU C 125 13.17 -7.08 -13.48
CA LEU C 125 14.24 -6.91 -12.50
C LEU C 125 15.00 -8.22 -12.29
N GLY C 126 14.28 -9.35 -12.29
CA GLY C 126 14.95 -10.63 -12.19
C GLY C 126 15.93 -10.87 -13.33
N ASP C 127 15.49 -10.55 -14.57
CA ASP C 127 16.38 -10.73 -15.72
C ASP C 127 17.58 -9.80 -15.63
N LEU C 128 17.36 -8.54 -15.25
CA LEU C 128 18.46 -7.59 -15.10
C LEU C 128 19.46 -8.08 -14.06
N TRP C 129 18.97 -8.66 -12.96
CA TRP C 129 19.87 -9.10 -11.90
C TRP C 129 20.65 -10.34 -12.33
N ARG C 130 19.96 -11.33 -12.91
CA ARG C 130 20.66 -12.52 -13.39
C ARG C 130 21.74 -12.15 -14.41
N ARG C 131 21.40 -11.28 -15.36
CA ARG C 131 22.41 -10.85 -16.34
C ARG C 131 23.54 -10.07 -15.67
N SER C 132 23.21 -9.24 -14.69
CA SER C 132 24.23 -8.50 -13.96
C SER C 132 25.23 -9.43 -13.28
N CYS C 133 24.74 -10.53 -12.69
CA CYS C 133 25.61 -11.44 -11.96
C CYS C 133 26.57 -12.19 -12.88
N THR C 134 26.20 -12.35 -14.15
CA THR C 134 26.97 -13.17 -15.08
C THR C 134 28.42 -12.72 -15.17
N GLY C 135 29.33 -13.66 -14.91
CA GLY C 135 30.76 -13.41 -15.02
C GLY C 135 31.39 -12.69 -13.85
N MET C 136 30.63 -12.32 -12.84
CA MET C 136 31.16 -11.63 -11.66
C MET C 136 31.37 -12.62 -10.53
N SER C 137 32.37 -12.35 -9.70
CA SER C 137 32.70 -13.21 -8.60
C SER C 137 31.64 -13.11 -7.50
N PRO C 138 31.62 -14.07 -6.57
CA PRO C 138 30.68 -13.96 -5.44
C PRO C 138 30.86 -12.70 -4.61
N PHE C 139 32.09 -12.17 -4.56
CA PHE C 139 32.32 -10.91 -3.86
C PHE C 139 31.50 -9.79 -4.48
N TRP C 140 31.55 -9.68 -5.81
CA TRP C 140 30.80 -8.65 -6.52
C TRP C 140 29.30 -8.85 -6.36
N ARG C 141 28.83 -10.10 -6.43
CA ARG C 141 27.40 -10.35 -6.33
C ARG C 141 26.88 -9.97 -4.94
N THR C 142 27.60 -10.37 -3.89
CA THR C 142 27.19 -10.00 -2.53
C THR C 142 27.19 -8.47 -2.38
N ARG C 143 28.28 -7.82 -2.76
CA ARG C 143 28.40 -6.37 -2.58
C ARG C 143 27.31 -5.62 -3.35
N ALA C 144 27.12 -5.97 -4.64
CA ALA C 144 26.14 -5.27 -5.47
C ALA C 144 24.72 -5.53 -5.00
N ARG C 145 24.45 -6.73 -4.47
CA ARG C 145 23.14 -7.01 -3.91
C ARG C 145 22.87 -6.15 -2.69
N HIS C 146 23.88 -6.02 -1.81
CA HIS C 146 23.79 -5.10 -0.69
C HIS C 146 23.51 -3.67 -1.14
N ASN C 147 24.19 -3.21 -2.19
CA ASN C 147 23.94 -1.85 -2.66
C ASN C 147 22.53 -1.72 -3.23
N TRP C 148 22.04 -2.76 -3.90
CA TRP C 148 20.66 -2.75 -4.38
C TRP C 148 19.67 -2.54 -3.25
N THR C 149 19.80 -3.32 -2.16
CA THR C 149 18.85 -3.14 -1.07
CA THR C 149 18.90 -3.16 -1.02
C THR C 149 19.07 -1.81 -0.34
N GLY C 150 20.28 -1.23 -0.41
CA GLY C 150 20.44 0.11 0.12
C GLY C 150 19.66 1.14 -0.67
N TYR C 151 19.70 1.02 -2.01
CA TYR C 151 18.91 1.89 -2.86
C TYR C 151 17.42 1.74 -2.57
N LEU C 152 16.93 0.49 -2.53
CA LEU C 152 15.51 0.28 -2.30
C LEU C 152 15.08 0.79 -0.94
N ALA C 153 15.93 0.59 0.08
CA ALA C 153 15.58 1.05 1.42
C ALA C 153 15.54 2.56 1.51
N ALA C 154 16.47 3.25 0.84
CA ALA C 154 16.44 4.72 0.90
C ALA C 154 15.26 5.28 0.13
N HIS C 155 14.95 4.68 -1.03
CA HIS C 155 13.74 5.09 -1.76
C HIS C 155 12.50 4.89 -0.90
N THR C 156 12.42 3.77 -0.20
CA THR C 156 11.35 3.55 0.76
C THR C 156 11.32 4.65 1.82
N ALA C 157 12.49 4.98 2.37
CA ALA C 157 12.57 5.99 3.43
C ALA C 157 12.03 7.34 2.98
N GLU C 158 12.24 7.69 1.71
CA GLU C 158 11.74 8.98 1.26
C GLU C 158 10.22 9.01 1.08
N SER C 159 9.56 7.86 1.13
CA SER C 159 8.11 7.79 0.97
C SER C 159 7.34 8.06 2.27
N VAL C 160 8.01 8.18 3.40
CA VAL C 160 7.33 8.42 4.66
C VAL C 160 7.73 9.77 5.25
N VAL C 168 19.42 17.83 9.37
CA VAL C 168 19.39 17.97 7.92
C VAL C 168 20.03 19.32 7.56
N ASP C 169 21.28 19.29 7.09
CA ASP C 169 22.01 20.55 6.88
C ASP C 169 23.07 20.42 5.78
N ALA C 170 22.67 20.74 4.55
CA ALA C 170 23.57 20.99 3.41
C ALA C 170 24.41 19.78 2.98
N ALA C 171 24.60 18.85 3.87
CA ALA C 171 25.38 17.63 3.66
C ALA C 171 24.59 16.43 4.15
N TYR C 172 23.84 16.58 5.24
CA TYR C 172 22.91 15.56 5.64
C TYR C 172 21.85 15.37 4.56
N CYS C 173 21.34 16.47 4.00
CA CYS C 173 20.34 16.41 2.95
C CYS C 173 20.89 15.89 1.63
N VAL C 174 22.15 16.24 1.30
CA VAL C 174 22.76 15.79 0.05
C VAL C 174 23.14 14.32 0.13
N ARG C 175 23.70 13.89 1.25
CA ARG C 175 24.10 12.49 1.42
C ARG C 175 22.92 11.55 1.24
N GLN C 176 21.79 11.89 1.84
CA GLN C 176 20.59 11.06 1.69
C GLN C 176 20.14 10.97 0.23
N ARG C 177 20.15 12.10 -0.48
CA ARG C 177 19.71 12.08 -1.87
C ARG C 177 20.68 11.30 -2.76
N GLY C 178 21.98 11.38 -2.50
CA GLY C 178 22.93 10.58 -3.26
C GLY C 178 22.82 9.09 -2.95
N TYR C 179 22.65 8.77 -1.67
CA TYR C 179 22.43 7.39 -1.25
C TYR C 179 21.14 6.82 -1.84
N ALA C 180 20.12 7.67 -1.95
CA ALA C 180 18.80 7.27 -2.43
C ALA C 180 18.68 7.33 -3.94
N THR C 181 19.67 7.87 -4.63
CA THR C 181 19.70 7.76 -6.08
C THR C 181 20.18 6.37 -6.47
N SER C 182 20.01 6.06 -7.75
CA SER C 182 20.38 4.74 -8.26
C SER C 182 21.88 4.59 -8.48
N SER C 183 22.65 5.67 -8.32
CA SER C 183 24.06 5.65 -8.69
C SER C 183 24.86 4.61 -7.92
N HIS C 184 24.46 4.29 -6.68
CA HIS C 184 25.18 3.27 -5.92
C HIS C 184 25.09 1.90 -6.60
N VAL C 185 24.02 1.66 -7.35
CA VAL C 185 24.00 0.48 -8.20
C VAL C 185 24.69 0.78 -9.53
N ILE C 186 24.54 2.00 -10.03
CA ILE C 186 25.03 2.33 -11.37
C ILE C 186 26.54 2.12 -11.45
N MET C 187 27.27 2.60 -10.46
CA MET C 187 28.71 2.48 -10.51
C MET C 187 29.15 1.03 -10.32
N ASP C 188 28.34 0.23 -9.60
CA ASP C 188 28.63 -1.19 -9.51
C ASP C 188 28.60 -1.86 -10.87
N LEU C 189 27.99 -1.23 -11.86
CA LEU C 189 27.91 -1.79 -13.20
C LEU C 189 29.11 -1.43 -14.06
N ILE C 190 29.91 -0.43 -13.66
CA ILE C 190 31.10 -0.06 -14.43
C ILE C 190 31.96 -1.29 -14.68
N GLU C 191 32.22 -2.06 -13.63
CA GLU C 191 32.91 -3.34 -13.79
C GLU C 191 32.16 -4.27 -14.72
N ARG C 192 30.87 -4.51 -14.43
CA ARG C 192 30.11 -5.54 -15.13
C ARG C 192 30.04 -5.27 -16.62
N THR C 193 29.72 -4.02 -16.99
CA THR C 193 29.64 -3.67 -18.40
C THR C 193 31.02 -3.61 -19.05
N GLY C 194 32.09 -3.49 -18.28
CA GLY C 194 33.41 -3.32 -18.85
C GLY C 194 34.25 -4.57 -18.90
N GLY C 195 33.76 -5.65 -18.30
CA GLY C 195 34.48 -6.92 -18.36
C GLY C 195 35.67 -7.01 -17.44
N PHE C 196 35.60 -6.39 -16.27
CA PHE C 196 36.65 -6.50 -15.26
C PHE C 196 35.99 -6.47 -13.89
N GLU C 197 36.80 -6.64 -12.85
CA GLU C 197 36.28 -6.59 -11.48
C GLU C 197 37.35 -6.06 -10.54
N VAL C 198 36.98 -5.08 -9.73
CA VAL C 198 37.88 -4.59 -8.68
C VAL C 198 37.89 -5.59 -7.53
N PRO C 199 39.06 -6.03 -7.06
CA PRO C 199 39.10 -6.96 -5.94
C PRO C 199 38.44 -6.39 -4.70
N ALA C 200 37.82 -7.27 -3.92
CA ALA C 200 37.03 -6.84 -2.76
C ALA C 200 37.90 -6.20 -1.69
N MET C 201 39.13 -6.67 -1.51
CA MET C 201 39.99 -6.13 -0.46
C MET C 201 40.44 -4.70 -0.75
N VAL C 202 40.34 -4.26 -2.00
CA VAL C 202 40.65 -2.88 -2.35
C VAL C 202 39.40 -2.08 -2.72
N TRP C 203 38.31 -2.74 -3.11
CA TRP C 203 37.05 -2.05 -3.33
C TRP C 203 36.63 -1.20 -2.14
N HIS C 204 36.82 -1.73 -0.92
CA HIS C 204 36.40 -1.03 0.29
C HIS C 204 37.50 -0.15 0.86
N HIS C 205 38.58 0.08 0.14
CA HIS C 205 39.62 0.98 0.62
C HIS C 205 39.05 2.38 0.77
N PRO C 206 39.40 3.10 1.84
CA PRO C 206 38.81 4.43 2.07
C PRO C 206 38.89 5.38 0.88
N VAL C 207 39.93 5.27 0.06
CA VAL C 207 40.07 6.16 -1.09
C VAL C 207 38.95 5.90 -2.10
N LEU C 208 38.76 4.64 -2.47
CA LEU C 208 37.70 4.29 -3.42
C LEU C 208 36.32 4.55 -2.83
N VAL C 209 36.15 4.26 -1.53
CA VAL C 209 34.89 4.54 -0.86
C VAL C 209 34.55 6.02 -0.96
N GLU C 210 35.50 6.89 -0.62
CA GLU C 210 35.24 8.32 -0.66
C GLU C 210 34.99 8.80 -2.09
N LEU C 211 35.74 8.27 -3.06
CA LEU C 211 35.48 8.65 -4.45
C LEU C 211 34.05 8.29 -4.87
N ARG C 212 33.58 7.11 -4.46
CA ARG C 212 32.20 6.72 -4.76
C ARG C 212 31.21 7.66 -4.06
N THR C 213 31.50 8.01 -2.80
CA THR C 213 30.61 8.90 -2.05
C THR C 213 30.49 10.26 -2.74
N LEU C 214 31.63 10.85 -3.11
CA LEU C 214 31.61 12.14 -3.79
C LEU C 214 30.86 12.06 -5.11
N THR C 215 31.12 11.01 -5.90
CA THR C 215 30.43 10.85 -7.18
C THR C 215 28.92 10.77 -6.98
N SER C 216 28.47 9.92 -6.05
CA SER C 216 27.04 9.77 -5.81
CA SER C 216 27.04 9.77 -5.81
C SER C 216 26.42 11.08 -5.33
N GLU C 217 27.10 11.78 -4.43
CA GLU C 217 26.59 13.07 -3.95
C GLU C 217 26.42 14.06 -5.09
N MET C 218 27.42 14.13 -5.98
CA MET C 218 27.33 15.06 -7.11
C MET C 218 26.19 14.68 -8.05
N ILE C 219 26.02 13.39 -8.34
CA ILE C 219 24.96 12.98 -9.25
C ILE C 219 23.59 13.26 -8.62
N GLY C 220 23.48 13.11 -7.30
CA GLY C 220 22.22 13.39 -6.64
C GLY C 220 21.92 14.88 -6.59
N ILE C 221 22.96 15.70 -6.48
CA ILE C 221 22.77 17.15 -6.56
C ILE C 221 22.31 17.55 -7.95
N SER C 222 22.93 16.97 -8.98
CA SER C 222 22.50 17.25 -10.35
C SER C 222 21.03 16.87 -10.56
N ASN C 223 20.66 15.65 -10.15
CA ASN C 223 19.28 15.21 -10.29
C ASN C 223 18.31 16.15 -9.57
N ASP C 224 18.61 16.47 -8.30
CA ASP C 224 17.71 17.33 -7.52
C ASP C 224 17.60 18.73 -8.11
N LEU C 225 18.71 19.25 -8.68
CA LEU C 225 18.67 20.59 -9.25
C LEU C 225 17.65 20.69 -10.37
N CYS C 226 17.55 19.65 -11.20
CA CYS C 226 16.56 19.64 -12.28
C CYS C 226 15.26 18.96 -11.85
N SER C 227 14.76 19.36 -10.68
CA SER C 227 13.58 18.79 -10.02
C SER C 227 13.21 17.36 -10.43
N SER C 238 8.96 17.74 1.26
CA SER C 238 9.82 17.28 0.18
C SER C 238 11.25 17.11 0.65
N ASN C 239 11.94 16.12 0.08
CA ASN C 239 13.34 15.86 0.37
C ASN C 239 14.28 16.39 -0.71
N ASN C 240 13.75 17.04 -1.74
CA ASN C 240 14.59 17.56 -2.82
C ASN C 240 15.53 18.64 -2.30
N LEU C 241 16.78 18.57 -2.74
CA LEU C 241 17.82 19.46 -2.21
C LEU C 241 17.44 20.93 -2.39
N LEU C 242 16.93 21.31 -3.56
CA LEU C 242 16.59 22.71 -3.80
C LEU C 242 15.50 23.19 -2.86
N LEU C 243 14.42 22.40 -2.74
CA LEU C 243 13.33 22.78 -1.85
C LEU C 243 13.78 22.80 -0.40
N VAL C 244 14.72 21.93 -0.04
CA VAL C 244 15.26 21.92 1.32
C VAL C 244 16.06 23.18 1.59
N LEU C 245 16.92 23.58 0.63
CA LEU C 245 17.65 24.84 0.79
C LEU C 245 16.69 26.02 0.89
N GLU C 246 15.61 25.99 0.11
CA GLU C 246 14.62 27.06 0.16
C GLU C 246 13.97 27.16 1.53
N ASN C 247 13.50 26.02 2.06
CA ASN C 247 12.74 26.04 3.30
C ASN C 247 13.61 26.15 4.55
N HIS C 248 14.88 25.77 4.47
CA HIS C 248 15.72 25.70 5.65
C HIS C 248 16.85 26.71 5.69
N GLU C 249 17.22 27.32 4.56
CA GLU C 249 18.17 28.41 4.57
C GLU C 249 17.56 29.74 4.15
N GLY C 250 16.26 29.77 3.86
CA GLY C 250 15.61 31.02 3.53
C GLY C 250 16.00 31.59 2.19
N LEU C 251 16.50 30.76 1.28
CA LEU C 251 16.92 31.21 -0.03
C LEU C 251 15.77 31.16 -1.02
N ASP C 252 15.85 32.02 -2.03
CA ASP C 252 14.97 31.91 -3.18
C ASP C 252 15.60 30.95 -4.19
N ARG C 253 14.92 30.74 -5.31
CA ARG C 253 15.34 29.71 -6.25
C ARG C 253 16.72 29.98 -6.85
N PRO C 254 17.02 31.17 -7.42
CA PRO C 254 18.38 31.38 -7.94
C PRO C 254 19.46 31.23 -6.89
N GLU C 255 19.20 31.68 -5.66
CA GLU C 255 20.20 31.58 -4.61
C GLU C 255 20.45 30.12 -4.22
N ALA C 256 19.38 29.34 -4.10
CA ALA C 256 19.52 27.92 -3.80
C ALA C 256 20.25 27.19 -4.92
N ILE C 257 19.95 27.55 -6.17
CA ILE C 257 20.64 26.92 -7.30
C ILE C 257 22.12 27.23 -7.26
N GLU C 258 22.48 28.49 -6.98
CA GLU C 258 23.89 28.86 -6.88
C GLU C 258 24.56 28.11 -5.74
N ARG C 259 23.87 27.95 -4.61
CA ARG C 259 24.44 27.17 -3.51
C ARG C 259 24.67 25.72 -3.91
N ALA C 260 23.74 25.13 -4.67
CA ALA C 260 23.93 23.76 -5.12
C ALA C 260 25.13 23.65 -6.05
N ARG C 261 25.33 24.66 -6.91
CA ARG C 261 26.53 24.70 -7.72
C ARG C 261 27.78 24.78 -6.85
N ALA C 262 27.70 25.53 -5.74
CA ALA C 262 28.85 25.63 -4.85
C ALA C 262 29.17 24.27 -4.21
N LEU C 263 28.14 23.52 -3.81
CA LEU C 263 28.38 22.21 -3.21
C LEU C 263 28.98 21.24 -4.24
N THR C 264 28.44 21.25 -5.45
CA THR C 264 29.00 20.42 -6.51
C THR C 264 30.47 20.77 -6.74
N ALA C 265 30.77 22.07 -6.84
CA ALA C 265 32.14 22.51 -7.08
C ALA C 265 33.09 22.04 -5.97
N GLU C 266 32.67 22.21 -4.70
CA GLU C 266 33.56 21.80 -3.61
C GLU C 266 33.77 20.29 -3.61
N ARG C 267 32.76 19.53 -4.06
CA ARG C 267 32.96 18.08 -4.13
C ARG C 267 33.83 17.69 -5.33
N VAL C 268 33.80 18.47 -6.40
CA VAL C 268 34.78 18.29 -7.48
C VAL C 268 36.19 18.48 -6.94
N ALA C 269 36.42 19.58 -6.20
CA ALA C 269 37.75 19.84 -5.65
C ALA C 269 38.20 18.70 -4.73
N ARG C 270 37.31 18.27 -3.82
CA ARG C 270 37.64 17.16 -2.93
C ARG C 270 37.99 15.91 -3.72
N PHE C 271 37.20 15.61 -4.75
CA PHE C 271 37.47 14.44 -5.60
C PHE C 271 38.85 14.53 -6.21
N LEU C 272 39.20 15.70 -6.77
CA LEU C 272 40.52 15.87 -7.38
C LEU C 272 41.64 15.81 -6.35
N ASP C 273 41.35 16.11 -5.09
CA ASP C 273 42.38 15.99 -4.07
C ASP C 273 42.62 14.54 -3.68
N VAL C 274 41.57 13.83 -3.24
CA VAL C 274 41.77 12.47 -2.76
C VAL C 274 42.07 11.49 -3.88
N GLU C 275 41.73 11.82 -5.13
CA GLU C 275 42.08 10.95 -6.25
C GLU C 275 43.58 10.70 -6.35
N ARG C 276 44.40 11.68 -5.96
CA ARG C 276 45.85 11.52 -5.99
C ARG C 276 46.35 10.44 -5.05
N ALA C 277 45.57 10.07 -4.02
CA ALA C 277 45.98 9.04 -3.08
C ALA C 277 45.68 7.63 -3.55
N VAL C 278 45.20 7.46 -4.79
CA VAL C 278 44.90 6.13 -5.32
C VAL C 278 46.15 5.25 -5.42
N THR C 279 47.33 5.86 -5.47
CA THR C 279 48.55 5.06 -5.55
C THR C 279 48.84 4.30 -4.26
N ASP C 280 48.16 4.63 -3.16
CA ASP C 280 48.30 3.87 -1.93
C ASP C 280 47.74 2.45 -2.05
N VAL C 281 46.87 2.20 -3.02
CA VAL C 281 46.33 0.86 -3.23
C VAL C 281 47.10 0.09 -4.29
N ASP C 282 48.13 0.68 -4.89
CA ASP C 282 48.93 -0.02 -5.87
C ASP C 282 49.74 -1.13 -5.22
N CYS C 283 50.25 -0.89 -4.00
CA CYS C 283 51.01 -1.91 -3.29
C CYS C 283 50.16 -3.10 -2.87
N LEU C 284 48.85 -3.09 -3.14
CA LEU C 284 47.98 -4.21 -2.82
C LEU C 284 47.61 -5.03 -4.05
N LEU C 285 47.94 -4.56 -5.25
CA LEU C 285 47.38 -5.08 -6.48
C LEU C 285 48.48 -5.63 -7.38
N ASP C 286 48.05 -6.45 -8.34
CA ASP C 286 48.88 -6.84 -9.47
C ASP C 286 48.63 -5.88 -10.62
N GLY C 287 49.10 -6.20 -11.83
CA GLY C 287 48.93 -5.30 -12.94
C GLY C 287 47.48 -5.21 -13.40
N ALA C 288 46.80 -6.36 -13.51
CA ALA C 288 45.40 -6.36 -13.90
C ALA C 288 44.56 -5.62 -12.87
N GLY C 289 44.92 -5.74 -11.59
CA GLY C 289 44.19 -5.01 -10.56
C GLY C 289 44.38 -3.52 -10.66
N ARG C 290 45.64 -3.08 -10.83
CA ARG C 290 45.90 -1.65 -11.01
C ARG C 290 45.15 -1.11 -12.21
N GLU C 291 45.08 -1.88 -13.29
CA GLU C 291 44.29 -1.44 -14.44
C GLU C 291 42.81 -1.38 -14.11
N ALA C 292 42.32 -2.33 -13.30
CA ALA C 292 40.91 -2.33 -12.90
C ALA C 292 40.57 -1.07 -12.12
N VAL C 293 41.39 -0.71 -11.12
CA VAL C 293 41.16 0.50 -10.35
C VAL C 293 41.23 1.72 -11.26
N ARG C 294 42.21 1.76 -12.15
CA ARG C 294 42.35 2.88 -13.09
C ARG C 294 41.07 3.09 -13.88
N ARG C 295 40.58 2.02 -14.52
CA ARG C 295 39.37 2.14 -15.32
C ARG C 295 38.14 2.45 -14.48
N PHE C 296 38.12 1.99 -13.22
CA PHE C 296 37.00 2.32 -12.35
C PHE C 296 36.94 3.82 -12.06
N VAL C 297 38.07 4.41 -11.69
CA VAL C 297 38.10 5.85 -11.42
C VAL C 297 37.73 6.62 -12.68
N GLU C 298 38.25 6.19 -13.83
CA GLU C 298 37.86 6.82 -15.09
C GLU C 298 36.35 6.71 -15.29
N GLY C 299 35.76 5.58 -14.91
CA GLY C 299 34.32 5.43 -15.02
C GLY C 299 33.55 6.37 -14.11
N LEU C 300 34.11 6.68 -12.94
CA LEU C 300 33.50 7.72 -12.11
C LEU C 300 33.50 9.06 -12.84
N HIS C 301 34.65 9.43 -13.43
CA HIS C 301 34.71 10.62 -14.27
C HIS C 301 33.57 10.62 -15.30
N ASP C 302 33.44 9.50 -16.02
CA ASP C 302 32.42 9.41 -17.06
C ASP C 302 31.01 9.53 -16.50
N LEU C 303 30.78 9.03 -15.29
CA LEU C 303 29.46 9.17 -14.67
C LEU C 303 29.13 10.64 -14.43
N VAL C 304 30.05 11.38 -13.82
CA VAL C 304 29.75 12.78 -13.50
C VAL C 304 29.58 13.60 -14.78
N ARG C 305 30.56 13.50 -15.69
CA ARG C 305 30.52 14.32 -16.90
C ARG C 305 29.32 13.96 -17.78
N GLY C 306 29.10 12.66 -17.99
CA GLY C 306 27.97 12.24 -18.79
C GLY C 306 26.64 12.65 -18.20
N ASP C 307 26.51 12.56 -16.87
CA ASP C 307 25.29 13.01 -16.23
C ASP C 307 25.05 14.50 -16.48
N ASN C 308 26.11 15.31 -16.41
CA ASN C 308 25.94 16.74 -16.67
C ASN C 308 25.50 16.98 -18.11
N GLU C 309 26.15 16.32 -19.06
CA GLU C 309 25.78 16.49 -20.47
C GLU C 309 24.33 16.10 -20.71
N TRP C 310 23.94 14.91 -20.26
CA TRP C 310 22.56 14.47 -20.51
C TRP C 310 21.55 15.37 -19.82
N GLU C 311 21.89 15.90 -18.65
CA GLU C 311 21.00 16.88 -18.02
C GLU C 311 20.85 18.13 -18.87
N ARG C 312 21.93 18.54 -19.56
CA ARG C 312 21.87 19.76 -20.36
C ARG C 312 20.99 19.59 -21.61
N THR C 313 21.08 18.44 -22.27
CA THR C 313 20.45 18.23 -23.58
C THR C 313 19.07 17.56 -23.51
N THR C 314 18.27 17.85 -22.49
CA THR C 314 17.04 17.09 -22.28
C THR C 314 15.87 17.99 -21.88
N PHE D 7 32.30 8.58 31.17
CA PHE D 7 31.54 9.40 32.12
C PHE D 7 30.47 8.58 32.81
N ASP D 8 29.21 8.98 32.64
CA ASP D 8 28.07 8.29 33.23
C ASP D 8 26.94 8.26 32.21
N LEU D 9 26.50 7.06 31.83
CA LEU D 9 25.51 6.88 30.78
C LEU D 9 24.09 6.87 31.36
N PRO D 10 23.09 7.23 30.55
CA PRO D 10 21.72 7.30 31.06
C PRO D 10 20.95 5.99 31.02
N TRP D 11 21.66 4.87 30.87
CA TRP D 11 20.98 3.59 30.77
C TRP D 11 21.44 2.63 31.86
N PRO D 12 20.55 1.76 32.33
CA PRO D 12 20.96 0.78 33.35
C PRO D 12 21.97 -0.21 32.82
N LEU D 13 22.61 -0.91 33.74
CA LEU D 13 23.64 -1.90 33.41
C LEU D 13 23.05 -3.30 33.48
N ARG D 14 23.26 -4.08 32.43
CA ARG D 14 22.74 -5.43 32.33
C ARG D 14 23.88 -6.39 32.00
N LYS D 15 23.71 -7.66 32.42
CA LYS D 15 24.73 -8.68 32.21
C LYS D 15 24.05 -10.02 31.97
N HIS D 16 24.77 -10.92 31.18
CA HIS D 16 24.19 -12.19 30.79
C HIS D 16 24.49 -13.28 31.82
N PRO D 17 23.57 -14.24 31.97
CA PRO D 17 23.82 -15.36 32.90
C PRO D 17 25.03 -16.21 32.57
N GLY D 18 25.15 -16.69 31.33
CA GLY D 18 26.06 -17.78 31.07
C GLY D 18 27.51 -17.42 30.92
N VAL D 19 27.90 -16.26 31.46
CA VAL D 19 29.29 -15.79 31.33
C VAL D 19 30.26 -16.87 31.80
N ALA D 20 29.90 -17.58 32.87
CA ALA D 20 30.75 -18.68 33.32
C ALA D 20 30.68 -19.85 32.36
N GLY D 21 29.47 -20.31 32.05
CA GLY D 21 29.35 -21.49 31.20
C GLY D 21 29.90 -21.25 29.83
N ALA D 22 29.67 -20.06 29.26
CA ALA D 22 30.25 -19.74 27.97
C ALA D 22 31.77 -19.78 28.06
N ARG D 23 32.32 -19.25 29.15
CA ARG D 23 33.77 -19.31 29.33
C ARG D 23 34.25 -20.75 29.18
N GLU D 24 33.55 -21.69 29.80
CA GLU D 24 33.96 -23.08 29.71
C GLU D 24 33.87 -23.54 28.26
N HIS D 25 32.72 -23.27 27.62
CA HIS D 25 32.58 -23.65 26.23
C HIS D 25 33.69 -23.04 25.40
N CYS D 26 34.01 -21.77 25.65
CA CYS D 26 35.06 -21.12 24.87
C CYS D 26 36.37 -21.86 25.02
N LEU D 27 36.71 -22.26 26.25
CA LEU D 27 37.98 -22.94 26.47
C LEU D 27 38.05 -24.26 25.72
N GLY D 28 36.90 -24.85 25.40
CA GLY D 28 36.89 -26.05 24.59
C GLY D 28 36.93 -25.69 23.12
N TRP D 29 36.16 -24.65 22.74
CA TRP D 29 36.14 -24.22 21.36
C TRP D 29 37.51 -23.77 20.90
N LEU D 30 38.27 -23.12 21.78
CA LEU D 30 39.64 -22.75 21.45
C LEU D 30 40.50 -23.98 21.19
N ALA D 31 40.25 -25.07 21.93
CA ALA D 31 41.05 -26.27 21.77
C ALA D 31 40.60 -27.09 20.56
N ALA D 32 39.28 -27.21 20.36
CA ALA D 32 38.74 -27.96 19.24
C ALA D 32 38.98 -27.29 17.89
N GLN D 33 39.58 -26.09 17.86
CA GLN D 33 39.91 -25.43 16.61
C GLN D 33 41.42 -25.25 16.45
N GLY D 34 42.22 -25.83 17.34
CA GLY D 34 43.66 -25.71 17.25
C GLY D 34 44.21 -24.36 17.65
N LEU D 35 43.48 -23.60 18.45
CA LEU D 35 43.91 -22.28 18.91
C LEU D 35 44.41 -22.30 20.35
N ALA D 36 44.50 -23.48 20.97
CA ALA D 36 45.00 -23.59 22.33
C ALA D 36 46.53 -23.60 22.36
N ALA D 43 45.80 -17.61 25.21
CA ALA D 43 44.63 -17.86 26.05
C ALA D 43 44.87 -17.36 27.47
N GLU D 44 46.11 -16.96 27.76
CA GLU D 44 46.42 -16.32 29.04
C GLU D 44 45.93 -14.88 29.09
N THR D 45 45.65 -14.27 27.94
CA THR D 45 45.06 -12.94 27.88
C THR D 45 43.54 -12.95 27.82
N PHE D 46 42.95 -14.10 27.47
CA PHE D 46 41.50 -14.20 27.45
C PHE D 46 40.92 -14.09 28.85
N VAL D 47 41.47 -14.86 29.80
CA VAL D 47 41.00 -14.78 31.18
C VAL D 47 41.55 -13.56 31.91
N THR D 48 42.64 -12.98 31.41
CA THR D 48 43.20 -11.78 32.04
C THR D 48 42.44 -10.53 31.61
N TRP D 49 42.15 -10.38 30.32
CA TRP D 49 41.43 -9.22 29.83
C TRP D 49 39.93 -9.31 30.05
N GLN D 50 39.44 -10.45 30.54
CA GLN D 50 38.02 -10.65 30.82
C GLN D 50 37.16 -10.38 29.58
N LEU D 51 37.37 -11.20 28.54
CA LEU D 51 36.60 -11.08 27.32
C LEU D 51 35.22 -11.71 27.43
N ASP D 52 35.10 -12.79 28.21
CA ASP D 52 33.79 -13.40 28.41
C ASP D 52 32.86 -12.44 29.16
N GLU D 53 33.39 -11.70 30.13
CA GLU D 53 32.58 -10.72 30.83
C GLU D 53 32.13 -9.61 29.89
N LEU D 54 33.00 -9.21 28.96
CA LEU D 54 32.63 -8.21 27.98
C LEU D 54 31.56 -8.74 27.03
N ALA D 55 31.64 -10.04 26.69
CA ALA D 55 30.56 -10.65 25.92
C ALA D 55 29.27 -10.67 26.71
N GLY D 56 29.36 -10.79 28.03
CA GLY D 56 28.15 -10.75 28.85
C GLY D 56 27.56 -9.35 28.95
N TYR D 57 28.41 -8.32 28.88
CA TYR D 57 27.91 -6.95 28.90
C TYR D 57 27.36 -6.53 27.53
N PHE D 58 28.00 -6.98 26.45
CA PHE D 58 27.57 -6.59 25.11
C PHE D 58 26.20 -7.18 24.78
N PHE D 59 25.95 -8.42 25.17
CA PHE D 59 24.73 -9.14 24.82
C PHE D 59 24.13 -9.73 26.09
N PRO D 60 23.46 -8.91 26.91
CA PRO D 60 22.90 -9.43 28.15
C PRO D 60 21.62 -10.24 27.95
N ARG D 61 20.79 -9.80 26.99
CA ARG D 61 19.54 -10.48 26.67
C ARG D 61 19.70 -11.53 25.59
N ALA D 62 20.91 -12.01 25.36
CA ALA D 62 21.16 -13.03 24.36
C ALA D 62 20.81 -14.41 24.89
N THR D 63 20.61 -15.34 23.97
CA THR D 63 20.46 -16.74 24.35
C THR D 63 21.81 -17.33 24.71
N GLN D 64 21.78 -18.45 25.44
CA GLN D 64 23.02 -19.09 25.87
C GLN D 64 23.88 -19.49 24.68
N GLU D 65 23.28 -20.12 23.67
CA GLU D 65 23.98 -20.43 22.44
C GLU D 65 24.55 -19.16 21.81
N GLY D 66 23.77 -18.09 21.82
CA GLY D 66 24.25 -16.83 21.26
C GLY D 66 25.41 -16.26 22.05
N LEU D 67 25.32 -16.30 23.38
CA LEU D 67 26.42 -15.79 24.19
C LEU D 67 27.69 -16.60 23.96
N GLU D 68 27.56 -17.91 23.79
CA GLU D 68 28.74 -18.72 23.48
C GLU D 68 29.32 -18.35 22.13
N LEU D 69 28.45 -18.05 21.16
CA LEU D 69 28.93 -17.69 19.83
C LEU D 69 29.65 -16.34 19.86
N ALA D 70 29.05 -15.33 20.48
CA ALA D 70 29.69 -14.02 20.55
C ALA D 70 30.97 -14.07 21.35
N THR D 71 31.03 -14.90 22.39
CA THR D 71 32.27 -15.04 23.14
C THR D 71 33.36 -15.64 22.27
N ASP D 72 33.02 -16.70 21.52
CA ASP D 72 33.98 -17.29 20.60
C ASP D 72 34.48 -16.27 19.59
N LEU D 73 33.58 -15.44 19.06
CA LEU D 73 34.00 -14.46 18.06
C LEU D 73 34.91 -13.41 18.68
N MET D 74 34.63 -12.98 19.91
CA MET D 74 35.48 -11.96 20.53
C MET D 74 36.88 -12.50 20.79
N VAL D 75 36.97 -13.74 21.29
CA VAL D 75 38.30 -14.34 21.46
C VAL D 75 38.99 -14.49 20.11
N TRP D 76 38.22 -14.81 19.05
CA TRP D 76 38.78 -14.84 17.70
C TRP D 76 39.29 -13.47 17.29
N TYR D 77 38.68 -12.39 17.77
CA TYR D 77 39.20 -11.06 17.50
C TYR D 77 40.53 -10.84 18.21
N PHE D 78 40.61 -11.24 19.48
CA PHE D 78 41.78 -10.83 20.27
C PHE D 78 43.00 -11.73 20.05
N ALA D 79 42.81 -13.04 19.88
CA ALA D 79 44.00 -13.89 19.76
C ALA D 79 44.68 -13.77 18.39
N PRO D 80 44.06 -14.21 17.27
CA PRO D 80 44.89 -14.15 16.06
C PRO D 80 44.92 -12.76 15.43
N THR D 96 49.00 -10.31 8.44
CA THR D 96 49.43 -9.47 7.33
C THR D 96 48.27 -9.13 6.39
N ALA D 97 48.60 -8.71 5.17
CA ALA D 97 47.56 -8.31 4.22
C ALA D 97 46.95 -9.49 3.47
N GLY D 98 47.71 -10.57 3.24
CA GLY D 98 47.16 -11.72 2.55
C GLY D 98 46.29 -12.62 3.41
N VAL D 99 46.53 -12.62 4.71
CA VAL D 99 45.71 -13.41 5.62
C VAL D 99 44.26 -12.94 5.58
N CYS D 100 44.05 -11.63 5.58
CA CYS D 100 42.68 -11.10 5.51
C CYS D 100 41.99 -11.52 4.21
N ALA D 101 42.72 -11.51 3.10
CA ALA D 101 42.14 -11.92 1.83
C ALA D 101 41.74 -13.39 1.87
N GLY D 102 42.62 -14.23 2.42
CA GLY D 102 42.27 -15.64 2.55
C GLY D 102 41.07 -15.87 3.45
N LEU D 103 40.96 -15.08 4.52
CA LEU D 103 39.79 -15.18 5.38
C LEU D 103 38.53 -14.75 4.65
N ALA D 104 38.63 -13.78 3.75
CA ALA D 104 37.49 -13.45 2.90
C ALA D 104 37.15 -14.63 2.00
N GLU D 105 38.17 -15.35 1.52
CA GLU D 105 37.90 -16.59 0.79
C GLU D 105 37.20 -17.61 1.69
N VAL D 106 37.47 -17.57 2.99
CA VAL D 106 36.76 -18.45 3.92
C VAL D 106 35.30 -18.03 4.03
N LEU D 107 35.04 -16.72 4.04
CA LEU D 107 33.66 -16.24 4.11
C LEU D 107 32.87 -16.66 2.87
N TYR D 108 33.46 -16.49 1.69
CA TYR D 108 32.73 -16.83 0.46
C TYR D 108 32.81 -18.31 0.12
N GLY D 109 33.87 -19.01 0.53
CA GLY D 109 33.98 -20.42 0.23
C GLY D 109 34.28 -20.70 -1.23
N VAL D 110 35.52 -20.40 -1.64
CA VAL D 110 35.93 -20.54 -3.03
C VAL D 110 36.31 -22.00 -3.26
N PRO D 111 36.21 -22.53 -4.48
CA PRO D 111 36.62 -23.93 -4.71
C PRO D 111 38.05 -24.24 -4.28
N GLU D 112 39.02 -23.37 -4.62
CA GLU D 112 40.42 -23.59 -4.29
C GLU D 112 40.87 -22.56 -3.25
N PRO D 113 40.76 -22.88 -1.96
CA PRO D 113 41.20 -21.93 -0.93
C PRO D 113 42.71 -21.89 -0.82
N GLY D 114 43.19 -20.87 -0.11
CA GLY D 114 44.61 -20.71 0.11
C GLY D 114 45.09 -21.47 1.33
N PRO D 115 46.35 -21.25 1.72
CA PRO D 115 46.89 -21.95 2.90
C PRO D 115 46.34 -21.41 4.21
N VAL D 116 45.79 -20.20 4.20
CA VAL D 116 45.21 -19.61 5.41
C VAL D 116 43.87 -20.25 5.75
N ALA D 117 43.12 -20.71 4.74
CA ALA D 117 41.80 -21.27 4.97
C ALA D 117 41.86 -22.60 5.71
N SER D 118 42.99 -23.30 5.67
CA SER D 118 43.17 -24.53 6.42
C SER D 118 43.86 -24.28 7.76
N SER D 119 44.18 -23.02 8.07
CA SER D 119 44.80 -22.67 9.33
C SER D 119 43.75 -22.54 10.43
N PRO D 120 44.17 -22.69 11.70
CA PRO D 120 43.21 -22.60 12.81
C PRO D 120 42.39 -21.32 12.83
N VAL D 121 42.99 -20.17 12.47
CA VAL D 121 42.23 -18.93 12.43
C VAL D 121 41.17 -18.99 11.33
N GLY D 122 41.50 -19.59 10.20
CA GLY D 122 40.56 -19.71 9.10
C GLY D 122 39.49 -20.76 9.34
N ARG D 123 39.90 -21.92 9.87
CA ARG D 123 38.92 -22.93 10.28
C ARG D 123 37.96 -22.36 11.32
N ALA D 124 38.50 -21.66 12.32
CA ALA D 124 37.66 -21.09 13.36
C ALA D 124 36.73 -20.02 12.80
N LEU D 125 37.22 -19.21 11.85
CA LEU D 125 36.33 -18.25 11.22
C LEU D 125 35.25 -18.93 10.40
N GLY D 126 35.58 -20.06 9.77
CA GLY D 126 34.57 -20.84 9.09
C GLY D 126 33.51 -21.37 10.03
N ASP D 127 33.91 -21.80 11.23
CA ASP D 127 32.94 -22.25 12.22
C ASP D 127 32.08 -21.09 12.71
N LEU D 128 32.69 -19.95 13.00
CA LEU D 128 31.95 -18.79 13.45
C LEU D 128 30.94 -18.31 12.41
N TRP D 129 31.34 -18.29 11.14
CA TRP D 129 30.42 -17.88 10.09
C TRP D 129 29.32 -18.91 9.85
N ARG D 130 29.68 -20.19 9.92
CA ARG D 130 28.68 -21.23 9.73
C ARG D 130 27.64 -21.20 10.84
N ARG D 131 28.05 -20.90 12.07
CA ARG D 131 27.11 -20.79 13.17
C ARG D 131 26.33 -19.49 13.13
N SER D 132 26.96 -18.41 12.66
CA SER D 132 26.29 -17.11 12.61
C SER D 132 25.14 -17.10 11.62
N CYS D 133 25.25 -17.86 10.53
CA CYS D 133 24.23 -17.84 9.49
C CYS D 133 23.03 -18.72 9.83
N THR D 134 23.11 -19.52 10.88
CA THR D 134 22.03 -20.45 11.19
C THR D 134 20.80 -19.69 11.69
N GLY D 135 19.65 -19.96 11.09
CA GLY D 135 18.40 -19.33 11.47
C GLY D 135 18.18 -17.96 10.87
N MET D 136 19.19 -17.33 10.32
CA MET D 136 19.06 -15.99 9.77
C MET D 136 18.62 -16.04 8.30
N SER D 137 18.03 -14.94 7.85
CA SER D 137 17.48 -14.81 6.51
C SER D 137 18.57 -14.37 5.54
N PRO D 138 18.35 -14.53 4.22
CA PRO D 138 19.38 -14.11 3.25
C PRO D 138 19.71 -12.63 3.32
N PHE D 139 18.79 -11.78 3.79
CA PHE D 139 19.10 -10.36 3.90
C PHE D 139 20.15 -10.13 4.97
N TRP D 140 20.02 -10.81 6.12
CA TRP D 140 21.01 -10.68 7.17
C TRP D 140 22.34 -11.29 6.76
N ARG D 141 22.31 -12.43 6.05
CA ARG D 141 23.54 -13.05 5.61
C ARG D 141 24.29 -12.15 4.64
N THR D 142 23.58 -11.57 3.67
CA THR D 142 24.22 -10.67 2.72
C THR D 142 24.80 -9.44 3.43
N ARG D 143 24.00 -8.81 4.28
CA ARG D 143 24.45 -7.57 4.93
C ARG D 143 25.62 -7.82 5.87
N ALA D 144 25.55 -8.90 6.65
CA ALA D 144 26.62 -9.20 7.61
C ALA D 144 27.88 -9.68 6.90
N ARG D 145 27.74 -10.41 5.79
CA ARG D 145 28.91 -10.79 5.01
C ARG D 145 29.58 -9.57 4.40
N HIS D 146 28.77 -8.57 4.00
CA HIS D 146 29.35 -7.34 3.47
C HIS D 146 30.06 -6.56 4.56
N ASN D 147 29.48 -6.51 5.76
CA ASN D 147 30.14 -5.82 6.87
C ASN D 147 31.43 -6.52 7.27
N TRP D 148 31.45 -7.85 7.23
CA TRP D 148 32.68 -8.59 7.45
C TRP D 148 33.71 -8.23 6.40
N THR D 149 33.29 -8.13 5.14
CA THR D 149 34.21 -7.79 4.06
C THR D 149 34.80 -6.41 4.26
N GLY D 150 33.97 -5.44 4.67
CA GLY D 150 34.49 -4.11 4.93
C GLY D 150 35.46 -4.09 6.11
N TYR D 151 35.18 -4.89 7.14
CA TYR D 151 36.09 -4.98 8.26
C TYR D 151 37.46 -5.50 7.83
N LEU D 152 37.48 -6.66 7.17
CA LEU D 152 38.76 -7.20 6.70
C LEU D 152 39.44 -6.26 5.71
N ALA D 153 38.66 -5.51 4.93
CA ALA D 153 39.25 -4.62 3.94
C ALA D 153 39.96 -3.45 4.59
N ALA D 154 39.25 -2.68 5.41
CA ALA D 154 39.91 -1.56 6.08
C ALA D 154 40.99 -2.03 7.03
N HIS D 155 40.88 -3.27 7.53
CA HIS D 155 41.94 -3.82 8.36
C HIS D 155 43.15 -4.19 7.53
N THR D 156 42.95 -4.50 6.24
CA THR D 156 44.08 -4.66 5.34
C THR D 156 44.70 -3.31 5.02
N ALA D 157 43.87 -2.30 4.74
CA ALA D 157 44.40 -0.97 4.42
C ALA D 157 45.16 -0.38 5.60
N GLU D 158 44.85 -0.80 6.82
CA GLU D 158 45.60 -0.35 7.99
C GLU D 158 46.89 -1.14 8.19
N SER D 159 47.36 -1.85 7.17
CA SER D 159 48.63 -2.58 7.22
C SER D 159 49.65 -2.05 6.24
N VAL D 160 49.26 -1.17 5.31
CA VAL D 160 50.17 -0.53 4.37
C VAL D 160 50.05 0.98 4.55
N PRO D 161 50.95 1.78 4.00
CA PRO D 161 50.75 3.24 4.05
C PRO D 161 49.44 3.65 3.40
N ARG D 162 48.63 4.39 4.14
CA ARG D 162 47.30 4.77 3.67
C ARG D 162 47.12 6.29 3.57
N TYR D 163 47.47 7.04 4.60
CA TYR D 163 47.11 8.45 4.66
C TYR D 163 48.02 9.32 3.80
N SER D 182 35.22 -2.52 13.76
CA SER D 182 34.68 -3.87 13.82
C SER D 182 33.35 -3.91 14.55
N SER D 183 32.87 -2.74 14.96
CA SER D 183 31.62 -2.65 15.70
C SER D 183 30.40 -3.02 14.86
N HIS D 184 30.51 -2.95 13.54
CA HIS D 184 29.33 -3.16 12.71
C HIS D 184 28.88 -4.62 12.72
N VAL D 185 29.83 -5.55 12.74
CA VAL D 185 29.45 -6.96 12.80
C VAL D 185 28.96 -7.32 14.20
N ILE D 186 29.49 -6.65 15.22
CA ILE D 186 29.00 -6.87 16.58
C ILE D 186 27.56 -6.38 16.68
N MET D 187 27.26 -5.26 16.04
CA MET D 187 25.87 -4.80 15.97
C MET D 187 25.02 -5.70 15.09
N ASP D 188 25.64 -6.42 14.15
CA ASP D 188 24.91 -7.46 13.43
C ASP D 188 24.64 -8.69 14.29
N LEU D 189 25.42 -8.90 15.36
CA LEU D 189 25.20 -10.05 16.21
C LEU D 189 24.07 -9.87 17.22
N ILE D 190 23.57 -8.65 17.43
CA ILE D 190 22.45 -8.47 18.36
C ILE D 190 21.23 -9.25 17.88
N GLU D 191 20.95 -9.18 16.58
CA GLU D 191 19.84 -9.94 16.01
C GLU D 191 20.09 -11.44 16.09
N ARG D 192 21.31 -11.87 15.79
CA ARG D 192 21.64 -13.28 15.77
C ARG D 192 21.49 -13.90 17.15
N THR D 193 22.11 -13.28 18.16
CA THR D 193 22.06 -13.80 19.51
C THR D 193 20.71 -13.57 20.18
N GLY D 194 19.92 -12.62 19.68
CA GLY D 194 18.63 -12.35 20.29
C GLY D 194 17.47 -13.13 19.74
N GLY D 195 17.69 -13.96 18.71
CA GLY D 195 16.61 -14.71 18.11
C GLY D 195 15.58 -13.86 17.42
N PHE D 196 16.02 -12.83 16.70
CA PHE D 196 15.13 -11.94 15.96
C PHE D 196 15.92 -11.33 14.82
N GLU D 197 15.24 -10.53 14.00
CA GLU D 197 15.88 -9.91 12.85
C GLU D 197 15.14 -8.64 12.46
N VAL D 198 15.89 -7.56 12.28
CA VAL D 198 15.31 -6.30 11.81
C VAL D 198 15.15 -6.38 10.30
N PRO D 199 13.96 -6.08 9.77
CA PRO D 199 13.78 -6.13 8.30
C PRO D 199 14.76 -5.22 7.58
N ALA D 200 15.16 -5.66 6.37
CA ALA D 200 16.21 -4.97 5.64
C ALA D 200 15.76 -3.60 5.16
N MET D 201 14.46 -3.41 4.91
CA MET D 201 13.99 -2.12 4.40
C MET D 201 14.06 -1.05 5.47
N VAL D 202 13.85 -1.41 6.74
CA VAL D 202 14.03 -0.47 7.84
C VAL D 202 15.41 -0.57 8.48
N TRP D 203 16.17 -1.61 8.19
CA TRP D 203 17.55 -1.70 8.68
C TRP D 203 18.41 -0.57 8.11
N HIS D 204 18.17 -0.17 6.87
CA HIS D 204 18.95 0.90 6.24
C HIS D 204 18.30 2.26 6.39
N HIS D 205 17.21 2.37 7.13
CA HIS D 205 16.58 3.66 7.35
C HIS D 205 17.56 4.60 8.05
N PRO D 206 17.61 5.88 7.67
CA PRO D 206 18.66 6.77 8.21
C PRO D 206 18.63 6.89 9.73
N VAL D 207 17.50 6.65 10.39
CA VAL D 207 17.46 6.69 11.85
C VAL D 207 18.36 5.62 12.44
N LEU D 208 18.19 4.38 11.98
CA LEU D 208 19.01 3.29 12.50
C LEU D 208 20.46 3.42 12.05
N VAL D 209 20.69 3.98 10.86
CA VAL D 209 22.06 4.20 10.40
C VAL D 209 22.77 5.19 11.32
N GLU D 210 22.10 6.29 11.65
CA GLU D 210 22.70 7.28 12.53
C GLU D 210 22.89 6.75 13.93
N LEU D 211 21.92 5.96 14.43
CA LEU D 211 22.09 5.34 15.74
C LEU D 211 23.27 4.38 15.76
N ARG D 212 23.48 3.64 14.66
CA ARG D 212 24.63 2.75 14.58
C ARG D 212 25.94 3.53 14.49
N THR D 213 25.91 4.73 13.89
CA THR D 213 27.13 5.52 13.79
C THR D 213 27.50 6.14 15.13
N LEU D 214 26.51 6.72 15.83
CA LEU D 214 26.75 7.24 17.16
C LEU D 214 27.21 6.13 18.10
N THR D 215 26.55 4.97 18.02
CA THR D 215 26.95 3.83 18.84
C THR D 215 28.38 3.41 18.52
N SER D 216 28.74 3.45 17.24
CA SER D 216 30.11 3.18 16.84
CA SER D 216 30.11 3.18 16.84
C SER D 216 31.08 4.23 17.36
N GLU D 217 30.60 5.44 17.61
CA GLU D 217 31.46 6.51 18.10
C GLU D 217 31.68 6.42 19.61
N MET D 218 30.66 5.99 20.37
CA MET D 218 30.83 5.91 21.81
C MET D 218 31.57 4.66 22.28
N ILE D 219 32.23 3.95 21.37
CA ILE D 219 33.06 2.81 21.73
C ILE D 219 34.49 3.15 21.32
N GLY D 220 34.61 3.97 20.27
CA GLY D 220 35.89 4.58 19.91
C GLY D 220 36.22 5.82 20.67
N ILE D 221 35.24 6.37 21.39
CA ILE D 221 35.48 7.44 22.34
C ILE D 221 35.68 6.89 23.75
N SER D 222 36.01 5.61 23.87
CA SER D 222 36.23 4.97 25.16
C SER D 222 37.72 4.65 25.36
N GLU D 258 41.47 16.82 29.56
CA GLU D 258 40.61 16.98 30.73
C GLU D 258 39.15 16.70 30.39
N ARG D 259 38.46 17.74 29.90
CA ARG D 259 37.03 17.64 29.63
C ARG D 259 36.81 17.06 28.24
N ALA D 260 37.02 15.75 28.15
CA ALA D 260 36.62 14.99 26.97
C ALA D 260 35.27 14.29 27.14
N ARG D 261 34.90 13.97 28.39
CA ARG D 261 33.60 13.38 28.68
C ARG D 261 32.46 14.38 28.53
N ALA D 262 32.78 15.65 28.31
CA ALA D 262 31.76 16.63 27.95
C ALA D 262 31.51 16.67 26.45
N LEU D 263 32.42 16.11 25.65
CA LEU D 263 32.21 15.99 24.22
C LEU D 263 31.53 14.68 23.84
N THR D 264 31.63 13.66 24.68
CA THR D 264 30.89 12.41 24.46
C THR D 264 29.43 12.56 24.86
N ALA D 265 29.15 13.49 25.79
CA ALA D 265 27.78 13.78 26.16
C ALA D 265 27.01 14.36 24.99
N GLU D 266 27.70 15.02 24.06
CA GLU D 266 27.02 15.46 22.84
C GLU D 266 26.58 14.28 22.01
N ARG D 267 27.36 13.19 22.02
CA ARG D 267 26.95 11.99 21.32
C ARG D 267 25.78 11.32 22.04
N VAL D 268 25.79 11.36 23.37
CA VAL D 268 24.67 10.76 24.13
C VAL D 268 23.38 11.54 23.86
N ALA D 269 23.45 12.87 23.94
CA ALA D 269 22.28 13.69 23.67
C ALA D 269 21.79 13.52 22.24
N ARG D 270 22.73 13.48 21.28
CA ARG D 270 22.35 13.23 19.89
C ARG D 270 21.64 11.89 19.76
N PHE D 271 22.12 10.87 20.49
CA PHE D 271 21.47 9.57 20.47
C PHE D 271 20.04 9.67 20.99
N LEU D 272 19.85 10.25 22.17
CA LEU D 272 18.50 10.37 22.71
C LEU D 272 17.61 11.27 21.86
N ASP D 273 18.19 12.09 20.99
CA ASP D 273 17.34 12.90 20.11
C ASP D 273 16.91 12.10 18.88
N VAL D 274 17.84 11.38 18.24
CA VAL D 274 17.47 10.55 17.10
C VAL D 274 16.56 9.40 17.51
N GLU D 275 16.72 8.90 18.74
CA GLU D 275 15.96 7.73 19.19
C GLU D 275 14.46 8.00 19.28
N ARG D 276 14.05 9.26 19.39
CA ARG D 276 12.61 9.57 19.41
C ARG D 276 11.96 9.18 18.09
N ALA D 277 12.68 9.35 16.98
CA ALA D 277 12.16 9.05 15.65
C ALA D 277 12.06 7.56 15.37
N VAL D 278 12.44 6.69 16.32
CA VAL D 278 12.35 5.25 16.09
C VAL D 278 10.92 4.82 15.85
N THR D 279 9.94 5.56 16.39
CA THR D 279 8.53 5.25 16.17
C THR D 279 8.03 5.72 14.81
N ASP D 280 8.83 6.48 14.06
CA ASP D 280 8.44 6.90 12.72
C ASP D 280 8.58 5.80 11.69
N VAL D 281 9.18 4.66 12.05
CA VAL D 281 9.34 3.54 11.15
C VAL D 281 8.42 2.38 11.54
N ASP D 282 7.43 2.64 12.38
CA ASP D 282 6.44 1.64 12.75
C ASP D 282 5.26 1.58 11.79
N CYS D 283 5.18 2.51 10.84
CA CYS D 283 4.17 2.45 9.79
C CYS D 283 4.54 1.46 8.70
N LEU D 284 5.74 0.87 8.76
CA LEU D 284 6.15 -0.16 7.82
C LEU D 284 6.41 -1.49 8.52
N LEU D 285 6.22 -1.57 9.82
CA LEU D 285 6.51 -2.75 10.61
C LEU D 285 5.23 -3.37 11.16
N ASP D 286 5.38 -4.60 11.66
CA ASP D 286 4.34 -5.38 12.30
C ASP D 286 4.74 -5.57 13.77
N GLY D 287 4.09 -6.51 14.45
CA GLY D 287 4.40 -6.71 15.86
C GLY D 287 5.80 -7.24 16.06
N ALA D 288 6.15 -8.32 15.35
CA ALA D 288 7.48 -8.89 15.49
C ALA D 288 8.56 -7.94 14.97
N GLY D 289 8.26 -7.18 13.91
CA GLY D 289 9.24 -6.23 13.40
C GLY D 289 9.48 -5.08 14.35
N ARG D 290 8.41 -4.48 14.86
CA ARG D 290 8.57 -3.39 15.82
C ARG D 290 9.28 -3.88 17.07
N GLU D 291 8.97 -5.11 17.50
CA GLU D 291 9.72 -5.69 18.60
C GLU D 291 11.19 -5.86 18.22
N ALA D 292 11.47 -6.14 16.95
CA ALA D 292 12.85 -6.30 16.51
C ALA D 292 13.61 -4.99 16.62
N VAL D 293 13.02 -3.89 16.13
CA VAL D 293 13.72 -2.60 16.25
C VAL D 293 13.86 -2.18 17.70
N ARG D 294 12.85 -2.47 18.53
CA ARG D 294 12.96 -2.15 19.95
C ARG D 294 14.14 -2.88 20.59
N ARG D 295 14.24 -4.19 20.36
CA ARG D 295 15.31 -4.98 20.95
C ARG D 295 16.66 -4.60 20.38
N PHE D 296 16.70 -4.13 19.13
CA PHE D 296 17.97 -3.71 18.53
C PHE D 296 18.47 -2.43 19.17
N VAL D 297 17.58 -1.45 19.39
CA VAL D 297 18.01 -0.22 20.03
C VAL D 297 18.43 -0.50 21.47
N GLU D 298 17.71 -1.40 22.16
CA GLU D 298 18.14 -1.83 23.49
C GLU D 298 19.53 -2.44 23.42
N GLY D 299 19.80 -3.27 22.40
CA GLY D 299 21.11 -3.85 22.26
C GLY D 299 22.21 -2.83 22.04
N LEU D 300 21.89 -1.72 21.38
CA LEU D 300 22.88 -0.66 21.24
C LEU D 300 23.15 0.03 22.57
N HIS D 301 22.08 0.29 23.33
CA HIS D 301 22.26 0.77 24.71
C HIS D 301 23.21 -0.15 25.47
N ASP D 302 23.04 -1.47 25.31
CA ASP D 302 23.87 -2.41 26.05
C ASP D 302 25.31 -2.41 25.57
N LEU D 303 25.51 -2.25 24.25
CA LEU D 303 26.88 -2.11 23.77
C LEU D 303 27.57 -0.91 24.40
N VAL D 304 26.86 0.22 24.53
CA VAL D 304 27.50 1.43 25.03
C VAL D 304 27.77 1.31 26.53
N ARG D 305 26.72 1.05 27.32
CA ARG D 305 26.89 0.97 28.76
C ARG D 305 27.83 -0.16 29.16
N GLY D 306 27.70 -1.31 28.48
CA GLY D 306 28.53 -2.45 28.82
C GLY D 306 29.99 -2.23 28.46
N ASP D 307 30.26 -1.67 27.28
CA ASP D 307 31.63 -1.34 26.93
C ASP D 307 32.22 -0.35 27.93
N ASN D 308 31.46 0.68 28.29
CA ASN D 308 31.93 1.65 29.28
C ASN D 308 32.25 0.96 30.61
N GLU D 309 31.42 0.00 31.03
CA GLU D 309 31.69 -0.72 32.27
C GLU D 309 32.97 -1.54 32.17
N TRP D 310 33.13 -2.28 31.07
CA TRP D 310 34.29 -3.14 30.92
C TRP D 310 35.59 -2.33 30.89
N GLU D 311 35.59 -1.20 30.18
CA GLU D 311 36.74 -0.31 30.24
C GLU D 311 36.93 0.27 31.65
N ARG D 312 35.83 0.54 32.35
CA ARG D 312 35.92 1.19 33.65
C ARG D 312 36.55 0.28 34.71
N THR D 313 36.29 -1.01 34.65
CA THR D 313 36.84 -1.94 35.64
C THR D 313 37.90 -2.85 35.03
N THR D 314 38.85 -2.26 34.30
CA THR D 314 39.94 -3.01 33.69
C THR D 314 41.11 -2.09 33.36
#